data_7DSW
#
_entry.id   7DSW
#
_cell.length_a   1.00
_cell.length_b   1.00
_cell.length_c   1.00
_cell.angle_alpha   90.00
_cell.angle_beta   90.00
_cell.angle_gamma   90.00
#
_symmetry.space_group_name_H-M   'P 1'
#
loop_
_entity.id
_entity.type
_entity.pdbx_description
1 polymer 'Sodium/hydrogen exchanger 1'
2 non-polymer 1-palmitoyl-2-oleoyl-sn-glycero-3-phosphocholine
#
_entity_poly.entity_id   1
_entity_poly.type   'polypeptide(L)'
_entity_poly.pdbx_seq_one_letter_code
;KAFPVLGIDYTHVRTPFEISLWILLACLMKIGFHVIPTISSIVPESCLLIVVGLLVGGLIKGVGETPPFLQSDVFFLFLL
PPIILDAGYFLPLRQFTENLGTILIFAVVGTLWNAFFLGGLMYAVCLVGGEQINNIGLLDNLLFGSIISAVDPVAVLAVF
EEIHINELLHILVFGESLLNDAVTVVLYHLFEEFANYEHVGIVDIFLGFLSFFVVALGGVLVGVVYGVIAAFTSRFTSHI
RVIEPLFVFLYSYMAYLSAELFHLSGIMALIASGVVMRPYVEANISHKSHTTIKYFLKMWSSVSETLIFIFLGVSTVAGS
HHWNWTFVISTLLFCLIARVLGVLGLTWFINKFRIVKLTPKDQFIIAYGGLRGAIAFSLGYLLDKKHFPMCDLFLTAIIT
VIFFTVFVQGMTIRPLVDLL
;
_entity_poly.pdbx_strand_id   B,A
#
# COMPACT_ATOMS: atom_id res chain seq x y z
N LYS A 1 34.65 14.71 6.09
CA LYS A 1 33.44 14.81 5.28
C LYS A 1 32.78 16.17 5.42
N ALA A 2 32.94 17.01 4.40
CA ALA A 2 32.27 18.30 4.41
C ALA A 2 30.76 18.11 4.22
N PHE A 3 30.00 19.14 4.61
CA PHE A 3 28.54 19.11 4.52
C PHE A 3 28.01 17.86 5.22
N PRO A 4 27.96 17.85 6.55
CA PRO A 4 27.69 16.62 7.31
C PRO A 4 26.56 15.74 6.78
N VAL A 5 25.34 16.26 6.71
CA VAL A 5 24.22 15.41 6.36
C VAL A 5 24.13 15.14 4.87
N LEU A 6 24.54 16.10 4.04
CA LEU A 6 24.38 15.98 2.59
C LEU A 6 25.06 14.72 2.07
N GLY A 7 24.35 14.02 1.18
CA GLY A 7 24.86 12.80 0.60
C GLY A 7 24.19 12.55 -0.74
N ILE A 8 24.49 11.40 -1.31
CA ILE A 8 23.92 11.01 -2.60
C ILE A 8 23.39 9.59 -2.51
N ASP A 9 23.10 9.15 -1.29
CA ASP A 9 22.75 7.75 -1.05
C ASP A 9 21.52 7.36 -1.85
N TYR A 10 21.73 6.49 -2.84
CA TYR A 10 20.66 6.06 -3.74
C TYR A 10 20.16 4.67 -3.41
N THR A 11 21.02 3.80 -2.88
CA THR A 11 20.60 2.44 -2.56
C THR A 11 19.53 2.42 -1.48
N HIS A 12 19.44 3.49 -0.68
CA HIS A 12 18.40 3.58 0.33
C HIS A 12 17.02 3.61 -0.33
N VAL A 13 16.84 4.50 -1.29
CA VAL A 13 15.58 4.62 -2.03
C VAL A 13 15.85 4.19 -3.46
N ARG A 14 15.73 2.90 -3.71
CA ARG A 14 15.84 2.34 -5.05
C ARG A 14 14.59 1.58 -5.46
N THR A 15 14.14 0.66 -4.60
CA THR A 15 12.87 0.01 -4.88
C THR A 15 11.70 0.98 -4.89
N PRO A 16 11.46 1.78 -3.84
CA PRO A 16 10.30 2.67 -3.89
C PRO A 16 10.39 3.70 -5.00
N PHE A 17 11.58 4.23 -5.25
CA PHE A 17 11.72 5.26 -6.27
C PHE A 17 11.49 4.69 -7.66
N GLU A 18 12.09 3.55 -7.98
CA GLU A 18 11.88 2.97 -9.30
C GLU A 18 10.44 2.48 -9.48
N ILE A 19 9.84 1.94 -8.43
CA ILE A 19 8.44 1.52 -8.55
C ILE A 19 7.55 2.73 -8.81
N SER A 20 7.76 3.82 -8.07
CA SER A 20 6.97 5.02 -8.30
C SER A 20 7.22 5.59 -9.67
N LEU A 21 8.46 5.52 -10.15
CA LEU A 21 8.79 6.01 -11.48
C LEU A 21 8.06 5.19 -12.54
N TRP A 22 8.00 3.87 -12.37
CA TRP A 22 7.28 3.02 -13.32
C TRP A 22 5.80 3.35 -13.33
N ILE A 23 5.20 3.46 -12.14
CA ILE A 23 3.77 3.75 -12.08
C ILE A 23 3.48 5.12 -12.66
N LEU A 24 4.35 6.09 -12.40
CA LEU A 24 4.15 7.43 -12.96
C LEU A 24 4.26 7.41 -14.47
N LEU A 25 5.24 6.70 -15.01
CA LEU A 25 5.36 6.59 -16.46
C LEU A 25 4.12 5.94 -17.06
N ALA A 26 3.65 4.87 -16.43
CA ALA A 26 2.47 4.17 -16.97
C ALA A 26 1.25 5.07 -16.94
N CYS A 27 1.03 5.77 -15.83
CA CYS A 27 -0.15 6.64 -15.75
C CYS A 27 -0.04 7.83 -16.67
N LEU A 28 1.16 8.39 -16.81
CA LEU A 28 1.37 9.51 -17.70
C LEU A 28 1.10 9.12 -19.15
N MET A 29 1.56 7.93 -19.54
CA MET A 29 1.31 7.48 -20.90
C MET A 29 -0.09 6.90 -21.05
N LYS A 30 -0.78 6.63 -19.95
CA LYS A 30 -2.19 6.29 -20.01
C LYS A 30 -3.04 7.53 -20.30
N ILE A 31 -2.74 8.65 -19.65
CA ILE A 31 -3.44 9.88 -19.97
C ILE A 31 -3.01 10.43 -21.31
N GLY A 32 -1.82 10.05 -21.79
CA GLY A 32 -1.48 10.32 -23.17
C GLY A 32 -2.11 9.36 -24.15
N PHE A 33 -2.77 8.32 -23.65
CA PHE A 33 -3.40 7.28 -24.46
C PHE A 33 -4.88 7.55 -24.68
N HIS A 34 -5.51 8.30 -23.79
CA HIS A 34 -6.92 8.62 -23.94
C HIS A 34 -7.16 9.91 -24.72
N VAL A 35 -6.21 10.85 -24.71
CA VAL A 35 -6.39 12.08 -25.47
C VAL A 35 -6.38 11.83 -26.97
N ILE A 36 -5.80 10.73 -27.42
CA ILE A 36 -5.79 10.43 -28.85
C ILE A 36 -7.23 10.25 -29.32
N PRO A 37 -7.62 10.80 -30.48
CA PRO A 37 -9.05 10.84 -30.85
C PRO A 37 -9.80 9.51 -30.69
N THR A 38 -9.36 8.46 -31.38
CA THR A 38 -10.01 7.15 -31.26
C THR A 38 -8.94 6.04 -31.23
N ILE A 39 -8.44 5.77 -30.03
CA ILE A 39 -7.57 4.62 -29.80
C ILE A 39 -8.10 3.88 -28.57
N SER A 40 -8.88 4.58 -27.75
CA SER A 40 -9.44 3.95 -26.55
C SER A 40 -10.45 2.87 -26.93
N SER A 41 -11.14 3.03 -28.05
CA SER A 41 -12.11 2.06 -28.53
C SER A 41 -11.58 1.25 -29.71
N ILE A 42 -10.30 1.35 -30.02
CA ILE A 42 -9.69 0.54 -31.05
C ILE A 42 -8.78 -0.54 -30.47
N VAL A 43 -8.06 -0.25 -29.40
CA VAL A 43 -7.19 -1.24 -28.77
C VAL A 43 -7.58 -1.38 -27.30
N PRO A 44 -7.40 -2.54 -26.69
CA PRO A 44 -7.67 -2.67 -25.26
C PRO A 44 -6.58 -2.01 -24.44
N GLU A 45 -6.91 -1.76 -23.16
CA GLU A 45 -5.90 -1.23 -22.25
C GLU A 45 -4.73 -2.18 -22.11
N SER A 46 -4.96 -3.48 -22.35
CA SER A 46 -3.88 -4.45 -22.26
C SER A 46 -2.75 -4.11 -23.21
N CYS A 47 -3.09 -3.61 -24.41
CA CYS A 47 -2.04 -3.21 -25.34
C CYS A 47 -1.21 -2.06 -24.79
N LEU A 48 -1.87 -1.09 -24.16
CA LEU A 48 -1.13 0.01 -23.53
C LEU A 48 -0.21 -0.49 -22.44
N LEU A 49 -0.68 -1.43 -21.61
CA LEU A 49 0.16 -1.95 -20.56
C LEU A 49 1.34 -2.74 -21.11
N ILE A 50 1.12 -3.51 -22.19
CA ILE A 50 2.23 -4.19 -22.85
C ILE A 50 3.26 -3.18 -23.34
N VAL A 51 2.79 -2.09 -23.95
CA VAL A 51 3.72 -1.10 -24.50
C VAL A 51 4.50 -0.40 -23.40
N VAL A 52 3.83 -0.07 -22.30
CA VAL A 52 4.52 0.56 -21.17
C VAL A 52 5.57 -0.39 -20.61
N GLY A 53 5.20 -1.66 -20.43
CA GLY A 53 6.16 -2.64 -19.96
C GLY A 53 7.35 -2.79 -20.89
N LEU A 54 7.09 -2.76 -22.19
CA LEU A 54 8.18 -2.85 -23.17
C LEU A 54 9.11 -1.66 -23.05
N LEU A 55 8.55 -0.45 -22.90
CA LEU A 55 9.39 0.73 -22.78
C LEU A 55 10.25 0.69 -21.51
N VAL A 56 9.64 0.31 -20.39
CA VAL A 56 10.39 0.25 -19.15
C VAL A 56 11.45 -0.84 -19.21
N GLY A 57 11.13 -1.98 -19.83
CA GLY A 57 12.12 -3.02 -19.99
C GLY A 57 13.26 -2.60 -20.87
N GLY A 58 12.97 -1.86 -21.94
CA GLY A 58 14.03 -1.32 -22.76
C GLY A 58 14.91 -0.35 -22.01
N LEU A 59 14.30 0.49 -21.17
CA LEU A 59 15.09 1.40 -20.34
C LEU A 59 16.00 0.64 -19.39
N ILE A 60 15.48 -0.40 -18.74
CA ILE A 60 16.30 -1.17 -17.80
C ILE A 60 17.41 -1.91 -18.54
N LYS A 61 17.11 -2.46 -19.72
CA LYS A 61 18.14 -3.11 -20.52
C LYS A 61 19.23 -2.12 -20.93
N GLY A 62 18.84 -0.90 -21.29
CA GLY A 62 19.84 0.10 -21.66
C GLY A 62 20.70 0.52 -20.49
N VAL A 63 20.08 0.68 -19.31
CA VAL A 63 20.85 1.01 -18.11
C VAL A 63 21.86 -0.09 -17.82
N GLY A 64 21.41 -1.34 -17.90
CA GLY A 64 22.28 -2.49 -17.72
C GLY A 64 22.30 -3.10 -16.35
N GLU A 65 21.59 -2.52 -15.38
CA GLU A 65 21.62 -3.06 -14.02
C GLU A 65 20.62 -4.20 -13.86
N THR A 66 20.64 -4.80 -12.69
CA THR A 66 19.92 -6.05 -12.45
C THR A 66 18.42 -5.86 -12.68
N PRO A 67 17.78 -6.72 -13.45
CA PRO A 67 16.33 -6.63 -13.63
C PRO A 67 15.61 -7.08 -12.37
N PRO A 68 14.55 -6.37 -11.99
CA PRO A 68 13.76 -6.80 -10.83
C PRO A 68 12.89 -8.01 -11.16
N PHE A 69 12.36 -8.63 -10.12
CA PHE A 69 11.58 -9.84 -10.30
C PHE A 69 10.60 -10.00 -9.14
N LEU A 70 9.53 -10.75 -9.40
CA LEU A 70 8.57 -11.10 -8.38
C LEU A 70 9.09 -12.27 -7.55
N GLN A 71 9.11 -12.12 -6.24
CA GLN A 71 9.64 -13.20 -5.41
C GLN A 71 8.55 -14.20 -5.03
N SER A 72 7.72 -14.59 -5.99
CA SER A 72 6.82 -15.74 -5.89
C SER A 72 5.84 -15.61 -4.72
N ASP A 73 5.96 -14.56 -3.95
CA ASP A 73 5.12 -14.26 -2.80
C ASP A 73 4.57 -12.86 -2.86
N VAL A 74 5.36 -11.90 -3.36
CA VAL A 74 4.82 -10.56 -3.57
C VAL A 74 3.63 -10.62 -4.52
N PHE A 75 3.71 -11.47 -5.54
CA PHE A 75 2.58 -11.63 -6.45
C PHE A 75 1.36 -12.13 -5.69
N PHE A 76 1.44 -13.36 -5.17
CA PHE A 76 0.27 -14.00 -4.59
C PHE A 76 -0.25 -13.27 -3.36
N LEU A 77 0.56 -12.38 -2.78
CA LEU A 77 0.14 -11.75 -1.54
C LEU A 77 -0.26 -10.29 -1.70
N PHE A 78 0.24 -9.59 -2.73
CA PHE A 78 0.01 -8.17 -2.83
C PHE A 78 -0.39 -7.70 -4.23
N LEU A 79 -0.32 -8.54 -5.25
CA LEU A 79 -0.67 -8.13 -6.59
C LEU A 79 -1.87 -8.86 -7.16
N LEU A 80 -2.12 -10.09 -6.74
CA LEU A 80 -3.30 -10.83 -7.16
C LEU A 80 -4.57 -10.33 -6.45
N PRO A 81 -4.59 -10.24 -5.12
CA PRO A 81 -5.84 -9.86 -4.45
C PRO A 81 -6.35 -8.47 -4.85
N PRO A 82 -5.51 -7.49 -5.20
CA PRO A 82 -6.10 -6.24 -5.75
C PRO A 82 -6.90 -6.46 -7.01
N ILE A 83 -6.32 -7.17 -7.98
CA ILE A 83 -7.02 -7.42 -9.25
C ILE A 83 -8.30 -8.21 -8.99
N ILE A 84 -8.20 -9.25 -8.17
CA ILE A 84 -9.36 -10.09 -7.91
C ILE A 84 -10.43 -9.31 -7.18
N LEU A 85 -10.06 -8.41 -6.27
CA LEU A 85 -11.06 -7.67 -5.53
C LEU A 85 -11.74 -6.62 -6.41
N ASP A 86 -10.97 -5.96 -7.28
CA ASP A 86 -11.60 -5.02 -8.20
C ASP A 86 -12.60 -5.75 -9.09
N ALA A 87 -12.20 -6.92 -9.60
CA ALA A 87 -13.11 -7.66 -10.48
C ALA A 87 -14.35 -8.14 -9.73
N GLY A 88 -14.15 -8.82 -8.60
CA GLY A 88 -15.25 -9.48 -7.93
C GLY A 88 -16.11 -8.60 -7.07
N TYR A 89 -15.62 -7.42 -6.69
CA TYR A 89 -16.44 -6.54 -5.88
C TYR A 89 -17.52 -5.87 -6.71
N PHE A 90 -17.26 -5.57 -7.98
CA PHE A 90 -18.24 -4.95 -8.85
C PHE A 90 -19.05 -5.98 -9.64
N LEU A 91 -19.15 -7.20 -9.15
CA LEU A 91 -19.93 -8.23 -9.81
C LEU A 91 -21.41 -7.94 -9.62
N PRO A 92 -22.18 -7.74 -10.69
CA PRO A 92 -23.62 -7.44 -10.54
C PRO A 92 -24.40 -8.70 -10.23
N LEU A 93 -24.89 -8.79 -8.98
CA LEU A 93 -25.54 -10.02 -8.52
C LEU A 93 -26.87 -10.27 -9.23
N ARG A 94 -27.63 -9.21 -9.53
CA ARG A 94 -28.94 -9.40 -10.14
C ARG A 94 -28.82 -10.20 -11.41
N GLN A 95 -27.84 -9.87 -12.24
CA GLN A 95 -27.60 -10.57 -13.51
C GLN A 95 -26.47 -11.57 -13.41
N PHE A 96 -26.08 -11.95 -12.18
CA PHE A 96 -25.11 -13.01 -11.94
C PHE A 96 -25.82 -14.27 -11.45
N THR A 97 -26.58 -14.13 -10.36
CA THR A 97 -27.39 -15.25 -9.89
C THR A 97 -28.51 -15.59 -10.85
N GLU A 98 -28.88 -14.67 -11.75
CA GLU A 98 -29.89 -14.94 -12.76
C GLU A 98 -29.43 -16.02 -13.73
N ASN A 99 -28.14 -16.07 -14.05
CA ASN A 99 -27.58 -17.05 -14.97
C ASN A 99 -26.30 -17.64 -14.40
N LEU A 100 -26.32 -17.99 -13.11
CA LEU A 100 -25.14 -18.55 -12.47
C LEU A 100 -24.74 -19.87 -13.10
N GLY A 101 -25.72 -20.65 -13.58
CA GLY A 101 -25.39 -21.93 -14.18
C GLY A 101 -24.50 -21.78 -15.40
N THR A 102 -24.85 -20.85 -16.29
CA THR A 102 -24.08 -20.69 -17.52
C THR A 102 -22.69 -20.13 -17.24
N ILE A 103 -22.60 -19.12 -16.38
CA ILE A 103 -21.30 -18.56 -16.02
C ILE A 103 -20.43 -19.62 -15.38
N LEU A 104 -21.00 -20.38 -14.44
CA LEU A 104 -20.26 -21.39 -13.73
C LEU A 104 -19.77 -22.48 -14.68
N ILE A 105 -20.63 -22.93 -15.59
CA ILE A 105 -20.23 -23.99 -16.50
C ILE A 105 -19.15 -23.48 -17.44
N PHE A 106 -19.32 -22.29 -18.01
CA PHE A 106 -18.25 -21.74 -18.84
C PHE A 106 -16.94 -21.67 -18.06
N ALA A 107 -16.90 -20.88 -16.99
CA ALA A 107 -15.66 -20.73 -16.24
C ALA A 107 -15.04 -22.07 -15.90
N VAL A 108 -15.72 -22.88 -15.09
CA VAL A 108 -15.10 -24.10 -14.57
C VAL A 108 -14.84 -25.08 -15.71
N VAL A 109 -15.89 -25.53 -16.40
CA VAL A 109 -15.73 -26.62 -17.34
C VAL A 109 -14.90 -26.18 -18.54
N GLY A 110 -15.13 -24.97 -19.05
CA GLY A 110 -14.33 -24.48 -20.16
C GLY A 110 -12.86 -24.31 -19.80
N THR A 111 -12.57 -23.84 -18.59
CA THR A 111 -11.17 -23.76 -18.18
C THR A 111 -10.56 -25.15 -18.04
N LEU A 112 -11.30 -26.09 -17.47
CA LEU A 112 -10.78 -27.44 -17.35
C LEU A 112 -10.54 -28.07 -18.73
N TRP A 113 -11.49 -27.88 -19.64
CA TRP A 113 -11.30 -28.34 -21.01
C TRP A 113 -10.10 -27.70 -21.67
N ASN A 114 -9.99 -26.38 -21.58
CA ASN A 114 -8.89 -25.70 -22.25
C ASN A 114 -7.56 -26.15 -21.69
N ALA A 115 -7.46 -26.24 -20.36
CA ALA A 115 -6.22 -26.65 -19.72
C ALA A 115 -5.84 -28.07 -20.13
N PHE A 116 -6.78 -29.01 -20.00
CA PHE A 116 -6.44 -30.40 -20.27
C PHE A 116 -6.20 -30.63 -21.76
N PHE A 117 -6.98 -29.98 -22.63
CA PHE A 117 -6.78 -30.14 -24.07
C PHE A 117 -5.44 -29.58 -24.49
N LEU A 118 -5.10 -28.36 -24.05
CA LEU A 118 -3.79 -27.81 -24.37
C LEU A 118 -2.68 -28.67 -23.80
N GLY A 119 -2.80 -29.10 -22.55
CA GLY A 119 -1.76 -29.92 -21.97
C GLY A 119 -1.55 -31.22 -22.72
N GLY A 120 -2.64 -31.92 -23.01
CA GLY A 120 -2.53 -33.19 -23.71
C GLY A 120 -1.98 -33.04 -25.11
N LEU A 121 -2.46 -32.03 -25.83
CA LEU A 121 -2.04 -31.90 -27.23
C LEU A 121 -0.63 -31.33 -27.34
N MET A 122 -0.25 -30.44 -26.43
CA MET A 122 1.14 -30.01 -26.31
C MET A 122 2.05 -31.19 -25.97
N TYR A 123 1.61 -32.07 -25.07
CA TYR A 123 2.40 -33.25 -24.75
C TYR A 123 2.53 -34.16 -25.96
N ALA A 124 1.45 -34.32 -26.71
CA ALA A 124 1.49 -35.17 -27.91
C ALA A 124 2.46 -34.61 -28.93
N VAL A 125 2.46 -33.30 -29.15
CA VAL A 125 3.41 -32.74 -30.11
C VAL A 125 4.82 -32.74 -29.55
N CYS A 126 4.99 -32.67 -28.22
CA CYS A 126 6.32 -32.83 -27.64
C CYS A 126 6.86 -34.23 -27.88
N LEU A 127 6.00 -35.24 -27.83
CA LEU A 127 6.45 -36.58 -28.17
C LEU A 127 6.89 -36.67 -29.62
N VAL A 128 6.36 -35.81 -30.49
CA VAL A 128 6.65 -35.91 -31.91
C VAL A 128 7.99 -35.25 -32.24
N GLY A 129 8.09 -33.95 -32.02
CA GLY A 129 9.31 -33.21 -32.27
C GLY A 129 10.18 -33.23 -31.02
N GLY A 130 11.46 -33.54 -31.22
CA GLY A 130 12.32 -33.76 -30.07
C GLY A 130 13.64 -33.02 -30.07
N GLU A 131 14.56 -33.50 -29.23
CA GLU A 131 15.95 -33.05 -29.12
C GLU A 131 16.06 -31.68 -28.45
N GLN A 132 14.95 -30.98 -28.30
CA GLN A 132 14.88 -29.81 -27.45
C GLN A 132 13.68 -29.81 -26.52
N ILE A 133 12.59 -30.44 -26.95
CA ILE A 133 11.39 -30.61 -26.15
C ILE A 133 11.01 -32.07 -25.99
N ASN A 134 11.91 -32.98 -26.36
CA ASN A 134 11.57 -34.40 -26.33
C ASN A 134 11.25 -34.85 -24.91
N ASN A 135 11.98 -34.32 -23.94
CA ASN A 135 11.77 -34.68 -22.54
C ASN A 135 11.03 -33.53 -21.85
N ILE A 136 9.71 -33.55 -21.98
CA ILE A 136 8.83 -32.62 -21.27
C ILE A 136 7.99 -33.34 -20.22
N GLY A 137 7.31 -34.39 -20.61
CA GLY A 137 6.45 -35.12 -19.70
C GLY A 137 5.04 -34.56 -19.67
N LEU A 138 4.15 -35.32 -19.03
CA LEU A 138 2.73 -34.96 -19.03
C LEU A 138 2.41 -33.95 -17.92
N LEU A 139 2.69 -34.32 -16.67
CA LEU A 139 2.35 -33.45 -15.56
C LEU A 139 3.11 -32.13 -15.60
N ASP A 140 4.26 -32.10 -16.29
CA ASP A 140 4.96 -30.85 -16.53
C ASP A 140 4.34 -30.05 -17.67
N ASN A 141 3.46 -30.67 -18.46
CA ASN A 141 2.83 -30.01 -19.59
C ASN A 141 1.39 -29.60 -19.30
N LEU A 142 0.69 -30.36 -18.46
CA LEU A 142 -0.63 -29.94 -18.02
C LEU A 142 -0.55 -28.65 -17.22
N LEU A 143 0.54 -28.45 -16.48
CA LEU A 143 0.72 -27.19 -15.77
C LEU A 143 0.84 -26.02 -16.74
N PHE A 144 1.59 -26.22 -17.83
CA PHE A 144 1.68 -25.18 -18.85
C PHE A 144 0.31 -24.94 -19.49
N GLY A 145 -0.42 -26.02 -19.78
CA GLY A 145 -1.76 -25.86 -20.31
C GLY A 145 -2.69 -25.10 -19.38
N SER A 146 -2.54 -25.29 -18.07
CA SER A 146 -3.38 -24.58 -17.12
C SER A 146 -2.98 -23.11 -17.02
N ILE A 147 -1.68 -22.83 -16.97
CA ILE A 147 -1.22 -21.45 -16.82
C ILE A 147 -1.32 -20.67 -18.11
N ILE A 148 -1.58 -21.33 -19.24
CA ILE A 148 -1.84 -20.62 -20.47
C ILE A 148 -3.33 -20.50 -20.75
N SER A 149 -4.16 -21.21 -20.00
CA SER A 149 -5.61 -21.12 -20.12
C SER A 149 -6.18 -20.05 -19.19
N ALA A 150 -5.32 -19.33 -18.48
CA ALA A 150 -5.76 -18.19 -17.66
C ALA A 150 -6.11 -17.01 -18.56
N VAL A 151 -7.30 -17.09 -19.13
CA VAL A 151 -7.75 -16.12 -20.11
C VAL A 151 -8.46 -14.97 -19.42
N ASP A 152 -8.39 -13.79 -20.04
CA ASP A 152 -8.96 -12.56 -19.49
C ASP A 152 -9.81 -11.89 -20.57
N PRO A 153 -11.02 -12.42 -20.82
CA PRO A 153 -11.80 -11.89 -21.95
C PRO A 153 -12.41 -10.53 -21.69
N VAL A 154 -12.55 -10.09 -20.43
CA VAL A 154 -13.19 -8.81 -20.17
C VAL A 154 -12.37 -7.65 -20.70
N ALA A 155 -11.10 -7.88 -21.01
CA ALA A 155 -10.27 -6.82 -21.56
C ALA A 155 -10.77 -6.39 -22.94
N VAL A 156 -11.55 -7.23 -23.62
CA VAL A 156 -11.97 -6.88 -24.97
C VAL A 156 -13.20 -5.98 -24.95
N LEU A 157 -13.92 -5.91 -23.83
CA LEU A 157 -15.13 -5.10 -23.78
C LEU A 157 -14.86 -3.61 -23.95
N ALA A 158 -13.65 -3.15 -23.69
CA ALA A 158 -13.30 -1.75 -23.93
C ALA A 158 -13.28 -1.41 -25.40
N VAL A 159 -13.33 -2.41 -26.28
CA VAL A 159 -13.30 -2.19 -27.71
C VAL A 159 -14.70 -2.05 -28.28
N PHE A 160 -15.70 -2.52 -27.56
CA PHE A 160 -17.09 -2.45 -28.02
C PHE A 160 -17.80 -1.29 -27.32
N GLU A 161 -19.11 -1.22 -27.49
CA GLU A 161 -19.93 -0.17 -26.89
C GLU A 161 -21.25 -0.80 -26.45
N GLU A 162 -22.24 0.05 -26.18
CA GLU A 162 -23.52 -0.41 -25.66
C GLU A 162 -24.20 -1.43 -26.56
N ILE A 163 -24.05 -1.29 -27.88
CA ILE A 163 -24.54 -2.30 -28.80
C ILE A 163 -23.45 -3.36 -29.00
N HIS A 164 -23.84 -4.50 -29.53
CA HIS A 164 -23.02 -5.70 -29.68
C HIS A 164 -22.67 -6.34 -28.35
N ILE A 165 -23.07 -5.76 -27.22
CA ILE A 165 -22.84 -6.33 -25.90
C ILE A 165 -24.19 -6.40 -25.21
N ASN A 166 -24.78 -7.60 -25.17
CA ASN A 166 -26.06 -7.80 -24.54
C ASN A 166 -25.92 -7.64 -23.02
N GLU A 167 -27.04 -7.81 -22.32
CA GLU A 167 -26.96 -8.03 -20.89
C GLU A 167 -26.23 -9.32 -20.57
N LEU A 168 -26.49 -10.36 -21.35
CA LEU A 168 -25.98 -11.69 -21.08
C LEU A 168 -24.50 -11.85 -21.39
N LEU A 169 -24.01 -11.25 -22.48
CA LEU A 169 -22.60 -11.38 -22.84
C LEU A 169 -21.68 -10.70 -21.84
N HIS A 170 -22.08 -9.53 -21.34
CA HIS A 170 -21.21 -8.80 -20.42
C HIS A 170 -20.99 -9.58 -19.14
N ILE A 171 -22.07 -10.02 -18.49
CA ILE A 171 -21.90 -10.79 -17.27
C ILE A 171 -21.24 -12.12 -17.54
N LEU A 172 -21.46 -12.69 -18.73
CA LEU A 172 -20.85 -13.97 -19.05
C LEU A 172 -19.34 -13.86 -19.15
N VAL A 173 -18.85 -12.87 -19.89
CA VAL A 173 -17.39 -12.69 -19.97
C VAL A 173 -16.84 -12.26 -18.61
N PHE A 174 -17.60 -11.49 -17.84
CA PHE A 174 -17.15 -11.09 -16.52
C PHE A 174 -16.91 -12.29 -15.62
N GLY A 175 -17.91 -13.16 -15.52
CA GLY A 175 -17.76 -14.35 -14.72
C GLY A 175 -16.71 -15.30 -15.25
N GLU A 176 -16.61 -15.44 -16.57
CA GLU A 176 -15.55 -16.26 -17.14
C GLU A 176 -14.19 -15.76 -16.69
N SER A 177 -13.92 -14.46 -16.86
CA SER A 177 -12.63 -13.91 -16.46
C SER A 177 -12.36 -14.17 -14.99
N LEU A 178 -13.33 -13.88 -14.13
CA LEU A 178 -13.11 -13.97 -12.69
C LEU A 178 -12.90 -15.40 -12.24
N LEU A 179 -13.90 -16.26 -12.45
CA LEU A 179 -13.78 -17.63 -11.98
C LEU A 179 -12.72 -18.41 -12.75
N ASN A 180 -12.37 -17.98 -13.96
CA ASN A 180 -11.24 -18.57 -14.66
C ASN A 180 -9.93 -18.23 -13.98
N ASP A 181 -9.76 -16.98 -13.56
CA ASP A 181 -8.57 -16.62 -12.80
C ASP A 181 -8.48 -17.42 -11.50
N ALA A 182 -9.62 -17.76 -10.90
CA ALA A 182 -9.58 -18.62 -9.71
C ALA A 182 -9.17 -20.05 -10.06
N VAL A 183 -9.83 -20.63 -11.07
CA VAL A 183 -9.65 -22.05 -11.37
C VAL A 183 -8.26 -22.32 -11.91
N THR A 184 -7.71 -21.39 -12.71
CA THR A 184 -6.37 -21.60 -13.26
C THR A 184 -5.33 -21.62 -12.15
N VAL A 185 -5.51 -20.80 -11.12
CA VAL A 185 -4.55 -20.81 -10.01
C VAL A 185 -4.69 -22.09 -9.22
N VAL A 186 -5.93 -22.55 -8.99
CA VAL A 186 -6.11 -23.81 -8.29
C VAL A 186 -5.43 -24.95 -9.06
N LEU A 187 -5.62 -25.00 -10.38
CA LEU A 187 -4.98 -26.02 -11.19
C LEU A 187 -3.46 -25.86 -11.19
N TYR A 188 -2.98 -24.62 -11.16
CA TYR A 188 -1.55 -24.38 -11.10
C TYR A 188 -0.95 -25.02 -9.86
N HIS A 189 -1.59 -24.79 -8.70
CA HIS A 189 -1.10 -25.40 -7.47
C HIS A 189 -1.20 -26.91 -7.52
N LEU A 190 -2.32 -27.43 -8.05
CA LEU A 190 -2.49 -28.89 -8.14
C LEU A 190 -1.38 -29.54 -8.96
N PHE A 191 -1.12 -29.00 -10.15
CA PHE A 191 -0.12 -29.61 -11.02
C PHE A 191 1.29 -29.39 -10.48
N GLU A 192 1.55 -28.22 -9.90
CA GLU A 192 2.86 -28.00 -9.30
C GLU A 192 3.11 -28.96 -8.15
N GLU A 193 2.06 -29.36 -7.42
CA GLU A 193 2.25 -30.35 -6.38
C GLU A 193 2.45 -31.75 -6.97
N PHE A 194 1.69 -32.10 -8.01
CA PHE A 194 1.87 -33.42 -8.61
C PHE A 194 3.24 -33.57 -9.26
N ALA A 195 3.83 -32.48 -9.73
CA ALA A 195 5.06 -32.58 -10.50
C ALA A 195 6.21 -33.16 -9.68
N ASN A 196 6.15 -33.00 -8.36
CA ASN A 196 7.26 -33.47 -7.52
C ASN A 196 7.42 -34.98 -7.60
N TYR A 197 6.41 -35.73 -7.16
CA TYR A 197 6.56 -37.17 -7.07
C TYR A 197 6.23 -37.85 -8.39
N GLU A 198 7.08 -38.82 -8.77
CA GLU A 198 6.97 -39.51 -10.05
C GLU A 198 6.08 -40.74 -9.97
N HIS A 199 5.58 -41.10 -8.79
CA HIS A 199 4.70 -42.24 -8.62
C HIS A 199 3.29 -41.71 -8.41
N VAL A 200 2.57 -41.48 -9.52
CA VAL A 200 1.20 -41.02 -9.50
C VAL A 200 0.32 -42.15 -9.99
N GLY A 201 -0.75 -42.44 -9.24
CA GLY A 201 -1.64 -43.53 -9.56
C GLY A 201 -3.08 -43.05 -9.71
N ILE A 202 -3.98 -44.03 -9.90
CA ILE A 202 -5.39 -43.73 -10.02
C ILE A 202 -5.90 -43.07 -8.74
N VAL A 203 -5.48 -43.61 -7.60
CA VAL A 203 -5.88 -43.03 -6.32
C VAL A 203 -5.40 -41.60 -6.21
N ASP A 204 -4.18 -41.33 -6.68
CA ASP A 204 -3.64 -39.98 -6.63
C ASP A 204 -4.43 -39.03 -7.51
N ILE A 205 -4.85 -39.49 -8.70
CA ILE A 205 -5.63 -38.63 -9.59
C ILE A 205 -7.00 -38.34 -8.99
N PHE A 206 -7.64 -39.37 -8.42
CA PHE A 206 -8.92 -39.16 -7.74
C PHE A 206 -8.78 -38.18 -6.59
N LEU A 207 -7.70 -38.31 -5.81
CA LEU A 207 -7.49 -37.39 -4.70
C LEU A 207 -7.20 -35.99 -5.20
N GLY A 208 -6.54 -35.86 -6.35
CA GLY A 208 -6.32 -34.54 -6.92
C GLY A 208 -7.61 -33.87 -7.35
N PHE A 209 -8.50 -34.64 -7.97
CA PHE A 209 -9.82 -34.11 -8.37
C PHE A 209 -10.61 -33.70 -7.13
N LEU A 210 -10.62 -34.56 -6.11
CA LEU A 210 -11.30 -34.26 -4.87
C LEU A 210 -10.72 -33.00 -4.23
N SER A 211 -9.40 -32.86 -4.26
CA SER A 211 -8.74 -31.72 -3.62
C SER A 211 -9.00 -30.45 -4.41
N PHE A 212 -9.14 -30.56 -5.73
CA PHE A 212 -9.54 -29.41 -6.52
C PHE A 212 -10.87 -28.87 -6.01
N PHE A 213 -11.87 -29.76 -5.90
CA PHE A 213 -13.17 -29.30 -5.44
C PHE A 213 -13.11 -28.81 -3.99
N VAL A 214 -12.34 -29.48 -3.14
CA VAL A 214 -12.23 -29.07 -1.74
C VAL A 214 -11.60 -27.68 -1.64
N VAL A 215 -10.55 -27.44 -2.42
CA VAL A 215 -9.89 -26.14 -2.41
C VAL A 215 -10.87 -25.05 -2.82
N ALA A 216 -11.56 -25.26 -3.95
CA ALA A 216 -12.47 -24.23 -4.43
C ALA A 216 -13.58 -23.95 -3.42
N LEU A 217 -14.23 -25.00 -2.91
CA LEU A 217 -15.36 -24.79 -2.02
C LEU A 217 -14.92 -24.27 -0.65
N GLY A 218 -13.76 -24.71 -0.17
CA GLY A 218 -13.27 -24.19 1.10
C GLY A 218 -12.94 -22.72 1.01
N GLY A 219 -12.34 -22.31 -0.12
CA GLY A 219 -12.20 -20.89 -0.37
C GLY A 219 -13.53 -20.18 -0.33
N VAL A 220 -14.54 -20.76 -0.97
CA VAL A 220 -15.86 -20.12 -0.98
C VAL A 220 -16.39 -19.95 0.43
N LEU A 221 -16.28 -21.00 1.25
CA LEU A 221 -16.81 -20.94 2.62
C LEU A 221 -16.09 -19.90 3.47
N VAL A 222 -14.76 -19.85 3.37
CA VAL A 222 -14.02 -18.80 4.07
C VAL A 222 -14.50 -17.43 3.61
N GLY A 223 -14.78 -17.31 2.31
CA GLY A 223 -15.30 -16.06 1.78
C GLY A 223 -16.62 -15.67 2.40
N VAL A 224 -17.55 -16.62 2.52
CA VAL A 224 -18.85 -16.29 3.11
C VAL A 224 -18.69 -15.91 4.56
N VAL A 225 -17.83 -16.62 5.30
CA VAL A 225 -17.66 -16.31 6.71
C VAL A 225 -17.15 -14.88 6.88
N TYR A 226 -16.11 -14.52 6.13
CA TYR A 226 -15.57 -13.18 6.27
C TYR A 226 -16.50 -12.12 5.71
N GLY A 227 -17.29 -12.46 4.68
CA GLY A 227 -18.25 -11.50 4.16
C GLY A 227 -19.36 -11.21 5.15
N VAL A 228 -19.87 -12.24 5.81
CA VAL A 228 -20.88 -12.05 6.84
C VAL A 228 -20.32 -11.22 7.99
N ILE A 229 -19.09 -11.51 8.40
CA ILE A 229 -18.49 -10.72 9.47
C ILE A 229 -18.32 -9.26 9.03
N ALA A 230 -17.90 -9.04 7.79
CA ALA A 230 -17.76 -7.69 7.27
C ALA A 230 -19.09 -6.96 7.23
N ALA A 231 -20.15 -7.64 6.81
CA ALA A 231 -21.47 -7.03 6.82
C ALA A 231 -21.90 -6.64 8.23
N PHE A 232 -21.71 -7.54 9.19
CA PHE A 232 -22.07 -7.26 10.57
C PHE A 232 -21.32 -6.04 11.11
N THR A 233 -20.02 -5.96 10.84
CA THR A 233 -19.25 -4.82 11.33
C THR A 233 -19.62 -3.53 10.58
N SER A 234 -19.89 -3.62 9.28
CA SER A 234 -20.29 -2.43 8.55
C SER A 234 -21.61 -1.87 9.03
N ARG A 235 -22.50 -2.73 9.53
CA ARG A 235 -23.75 -2.24 10.11
C ARG A 235 -23.52 -1.47 11.40
N PHE A 236 -22.32 -1.55 11.99
CA PHE A 236 -22.04 -0.86 13.24
C PHE A 236 -21.03 0.27 13.09
N THR A 237 -20.98 0.92 11.92
CA THR A 237 -19.90 1.88 11.66
C THR A 237 -20.47 3.21 11.19
N SER A 238 -21.65 3.59 11.66
CA SER A 238 -22.22 4.87 11.27
C SER A 238 -21.40 6.04 11.81
N HIS A 239 -20.89 5.89 13.04
CA HIS A 239 -20.28 7.02 13.73
C HIS A 239 -19.02 7.50 13.01
N ILE A 240 -18.09 6.60 12.72
CA ILE A 240 -16.85 6.94 12.04
C ILE A 240 -17.02 6.52 10.58
N ARG A 241 -17.05 7.49 9.68
CA ARG A 241 -17.35 7.25 8.27
C ARG A 241 -16.11 7.23 7.40
N VAL A 242 -14.92 7.26 8.00
CA VAL A 242 -13.67 7.30 7.26
C VAL A 242 -13.00 5.94 7.19
N ILE A 243 -13.34 5.04 8.11
CA ILE A 243 -12.73 3.72 8.20
C ILE A 243 -13.56 2.65 7.51
N GLU A 244 -14.75 3.00 7.03
CA GLU A 244 -15.61 2.02 6.35
C GLU A 244 -14.90 1.37 5.16
N PRO A 245 -14.27 2.11 4.24
CA PRO A 245 -13.48 1.44 3.20
C PRO A 245 -12.40 0.57 3.78
N LEU A 246 -11.79 1.01 4.88
CA LEU A 246 -10.72 0.22 5.47
C LEU A 246 -11.26 -1.11 5.99
N PHE A 247 -12.45 -1.12 6.58
CA PHE A 247 -13.06 -2.41 6.94
C PHE A 247 -13.28 -3.28 5.72
N VAL A 248 -13.79 -2.71 4.62
CA VAL A 248 -14.05 -3.53 3.44
C VAL A 248 -12.76 -4.18 2.94
N PHE A 249 -11.70 -3.38 2.77
CA PHE A 249 -10.46 -3.94 2.24
C PHE A 249 -9.82 -4.89 3.23
N LEU A 250 -9.87 -4.55 4.52
CA LEU A 250 -9.27 -5.41 5.53
C LEU A 250 -9.93 -6.77 5.57
N TYR A 251 -11.26 -6.79 5.52
CA TYR A 251 -11.96 -8.07 5.61
C TYR A 251 -11.76 -8.90 4.35
N SER A 252 -11.75 -8.25 3.18
CA SER A 252 -11.46 -9.00 1.95
C SER A 252 -10.06 -9.60 1.99
N TYR A 253 -9.08 -8.80 2.42
CA TYR A 253 -7.71 -9.29 2.44
C TYR A 253 -7.52 -10.37 3.48
N MET A 254 -8.20 -10.27 4.63
CA MET A 254 -8.11 -11.32 5.62
C MET A 254 -8.80 -12.59 5.16
N ALA A 255 -9.88 -12.49 4.40
CA ALA A 255 -10.46 -13.67 3.79
C ALA A 255 -9.48 -14.33 2.84
N TYR A 256 -8.83 -13.53 2.01
CA TYR A 256 -7.84 -14.07 1.08
C TYR A 256 -6.70 -14.76 1.83
N LEU A 257 -6.17 -14.12 2.87
CA LEU A 257 -5.04 -14.66 3.59
C LEU A 257 -5.43 -15.89 4.41
N SER A 258 -6.64 -15.91 4.94
CA SER A 258 -7.10 -17.07 5.69
C SER A 258 -7.34 -18.25 4.77
N ALA A 259 -7.76 -18.01 3.54
CA ALA A 259 -7.85 -19.09 2.57
C ALA A 259 -6.47 -19.58 2.17
N GLU A 260 -5.55 -18.67 1.88
CA GLU A 260 -4.19 -19.05 1.51
C GLU A 260 -3.43 -19.71 2.64
N LEU A 261 -3.87 -19.50 3.89
CA LEU A 261 -3.21 -20.15 5.02
C LEU A 261 -3.35 -21.66 4.94
N PHE A 262 -4.53 -22.15 4.55
CA PHE A 262 -4.80 -23.57 4.41
C PHE A 262 -4.51 -24.07 3.01
N HIS A 263 -3.92 -23.24 2.16
CA HIS A 263 -3.72 -23.52 0.74
C HIS A 263 -5.04 -23.65 -0.02
N LEU A 264 -6.14 -23.20 0.59
CA LEU A 264 -7.41 -23.13 -0.12
C LEU A 264 -7.32 -22.07 -1.21
N SER A 265 -8.40 -21.92 -1.96
CA SER A 265 -8.42 -20.96 -3.07
C SER A 265 -8.60 -19.57 -2.48
N GLY A 266 -7.52 -18.79 -2.46
CA GLY A 266 -7.64 -17.42 -1.99
C GLY A 266 -8.48 -16.56 -2.92
N ILE A 267 -8.38 -16.80 -4.22
CA ILE A 267 -9.16 -16.02 -5.17
C ILE A 267 -10.65 -16.27 -4.98
N MET A 268 -11.03 -17.53 -4.83
CA MET A 268 -12.45 -17.84 -4.59
C MET A 268 -12.92 -17.23 -3.28
N ALA A 269 -12.09 -17.28 -2.24
CA ALA A 269 -12.47 -16.71 -0.95
C ALA A 269 -12.69 -15.21 -1.06
N LEU A 270 -11.80 -14.54 -1.77
CA LEU A 270 -11.91 -13.09 -1.90
C LEU A 270 -13.14 -12.72 -2.73
N ILE A 271 -13.40 -13.46 -3.81
CA ILE A 271 -14.59 -13.22 -4.61
C ILE A 271 -15.85 -13.41 -3.76
N ALA A 272 -15.89 -14.50 -3.00
CA ALA A 272 -17.07 -14.79 -2.19
C ALA A 272 -17.27 -13.72 -1.13
N SER A 273 -16.20 -13.27 -0.48
CA SER A 273 -16.34 -12.24 0.53
C SER A 273 -16.87 -10.95 -0.09
N GLY A 274 -16.31 -10.55 -1.22
CA GLY A 274 -16.78 -9.34 -1.87
C GLY A 274 -18.24 -9.43 -2.28
N VAL A 275 -18.62 -10.55 -2.89
CA VAL A 275 -20.00 -10.74 -3.33
C VAL A 275 -20.96 -10.74 -2.15
N VAL A 276 -20.60 -11.43 -1.07
CA VAL A 276 -21.49 -11.55 0.07
C VAL A 276 -21.64 -10.21 0.78
N MET A 277 -20.56 -9.44 0.88
CA MET A 277 -20.67 -8.17 1.56
C MET A 277 -21.34 -7.08 0.73
N ARG A 278 -21.19 -7.09 -0.61
CA ARG A 278 -21.64 -5.95 -1.41
C ARG A 278 -23.04 -5.46 -1.11
N PRO A 279 -24.09 -6.32 -1.09
CA PRO A 279 -25.43 -5.77 -0.86
C PRO A 279 -25.57 -5.23 0.56
N TYR A 280 -24.86 -5.84 1.49
CA TYR A 280 -24.95 -5.48 2.90
C TYR A 280 -24.10 -4.27 3.25
N VAL A 281 -23.21 -3.87 2.36
CA VAL A 281 -22.64 -2.54 2.38
C VAL A 281 -23.40 -1.75 1.32
N GLU A 282 -23.12 -0.44 1.24
CA GLU A 282 -23.82 0.49 0.35
C GLU A 282 -25.24 0.75 0.86
N ALA A 283 -25.68 -0.03 1.83
CA ALA A 283 -26.95 0.21 2.51
C ALA A 283 -26.74 0.71 3.92
N ASN A 284 -25.55 0.50 4.47
CA ASN A 284 -25.18 1.01 5.78
C ASN A 284 -24.04 2.01 5.71
N ILE A 285 -23.70 2.49 4.52
CA ILE A 285 -22.48 3.23 4.27
C ILE A 285 -22.81 4.53 3.54
N SER A 286 -22.04 5.58 3.83
CA SER A 286 -22.19 6.84 3.13
C SER A 286 -21.91 6.66 1.65
N HIS A 287 -22.51 7.53 0.84
CA HIS A 287 -22.27 7.49 -0.60
C HIS A 287 -20.83 7.86 -0.91
N LYS A 288 -20.26 8.79 -0.15
CA LYS A 288 -18.87 9.17 -0.35
C LYS A 288 -17.94 7.99 -0.07
N SER A 289 -18.23 7.23 0.99
CA SER A 289 -17.39 6.08 1.32
C SER A 289 -17.51 5.00 0.26
N HIS A 290 -18.72 4.78 -0.27
CA HIS A 290 -18.87 3.84 -1.39
C HIS A 290 -18.07 4.30 -2.60
N THR A 291 -18.12 5.60 -2.91
CA THR A 291 -17.40 6.12 -4.05
C THR A 291 -15.90 5.95 -3.87
N THR A 292 -15.39 6.17 -2.66
CA THR A 292 -13.95 6.01 -2.45
C THR A 292 -13.55 4.54 -2.43
N ILE A 293 -14.46 3.66 -2.01
CA ILE A 293 -14.18 2.22 -2.14
C ILE A 293 -13.99 1.87 -3.61
N LYS A 294 -14.92 2.34 -4.45
CA LYS A 294 -14.81 2.08 -5.89
C LYS A 294 -13.52 2.66 -6.46
N TYR A 295 -13.20 3.90 -6.08
CA TYR A 295 -12.03 4.57 -6.63
C TYR A 295 -10.75 3.86 -6.22
N PHE A 296 -10.66 3.45 -4.95
CA PHE A 296 -9.43 2.81 -4.51
C PHE A 296 -9.30 1.42 -5.13
N LEU A 297 -10.41 0.70 -5.28
CA LEU A 297 -10.35 -0.56 -6.00
C LEU A 297 -9.81 -0.37 -7.41
N LYS A 298 -10.37 0.60 -8.14
CA LYS A 298 -9.91 0.84 -9.50
C LYS A 298 -8.43 1.22 -9.54
N MET A 299 -8.04 2.14 -8.68
CA MET A 299 -6.67 2.67 -8.71
C MET A 299 -5.66 1.60 -8.31
N TRP A 300 -5.97 0.84 -7.26
CA TRP A 300 -5.04 -0.17 -6.76
C TRP A 300 -4.96 -1.36 -7.70
N SER A 301 -6.09 -1.73 -8.33
CA SER A 301 -6.05 -2.75 -9.36
C SER A 301 -5.25 -2.29 -10.57
N SER A 302 -5.42 -1.04 -10.98
CA SER A 302 -4.65 -0.51 -12.08
C SER A 302 -3.15 -0.55 -11.79
N VAL A 303 -2.78 -0.16 -10.56
CA VAL A 303 -1.37 -0.22 -10.17
C VAL A 303 -0.84 -1.64 -10.21
N SER A 304 -1.61 -2.61 -9.67
CA SER A 304 -1.13 -3.99 -9.67
C SER A 304 -0.96 -4.54 -11.08
N GLU A 305 -1.96 -4.30 -11.94
CA GLU A 305 -1.86 -4.76 -13.32
C GLU A 305 -0.71 -4.10 -14.03
N THR A 306 -0.51 -2.80 -13.80
CA THR A 306 0.62 -2.10 -14.39
C THR A 306 1.95 -2.70 -13.96
N LEU A 307 2.10 -2.99 -12.68
CA LEU A 307 3.36 -3.56 -12.21
C LEU A 307 3.59 -4.95 -12.81
N ILE A 308 2.53 -5.76 -12.90
CA ILE A 308 2.68 -7.08 -13.50
C ILE A 308 3.10 -6.97 -14.95
N PHE A 309 2.49 -6.05 -15.69
CA PHE A 309 2.85 -5.90 -17.11
C PHE A 309 4.23 -5.28 -17.27
N ILE A 310 4.67 -4.44 -16.33
CA ILE A 310 6.04 -3.94 -16.35
C ILE A 310 7.02 -5.09 -16.18
N PHE A 311 6.72 -6.00 -15.25
CA PHE A 311 7.55 -7.20 -15.11
C PHE A 311 7.52 -8.03 -16.39
N LEU A 312 6.37 -8.07 -17.07
CA LEU A 312 6.29 -8.80 -18.33
C LEU A 312 7.23 -8.19 -19.37
N GLY A 313 7.23 -6.86 -19.48
CA GLY A 313 8.13 -6.20 -20.42
C GLY A 313 9.59 -6.42 -20.06
N VAL A 314 9.91 -6.35 -18.77
CA VAL A 314 11.28 -6.57 -18.34
C VAL A 314 11.71 -7.99 -18.66
N SER A 315 10.81 -8.96 -18.48
CA SER A 315 11.15 -10.35 -18.74
C SER A 315 11.29 -10.61 -20.23
N THR A 316 10.46 -9.97 -21.06
CA THR A 316 10.55 -10.23 -22.49
C THR A 316 11.73 -9.52 -23.14
N VAL A 317 12.15 -8.37 -22.62
CA VAL A 317 13.30 -7.68 -23.21
C VAL A 317 14.60 -8.08 -22.52
N ALA A 318 14.61 -8.12 -21.20
CA ALA A 318 15.82 -8.38 -20.41
C ALA A 318 15.79 -9.75 -19.76
N GLY A 319 15.28 -10.76 -20.45
CA GLY A 319 15.19 -12.10 -19.93
C GLY A 319 15.79 -13.11 -20.90
N SER A 320 15.98 -14.33 -20.38
CA SER A 320 16.50 -15.42 -21.16
C SER A 320 15.35 -16.14 -21.86
N HIS A 321 15.55 -16.47 -23.13
CA HIS A 321 14.51 -17.01 -23.98
C HIS A 321 14.98 -18.31 -24.61
N HIS A 322 14.04 -19.21 -24.86
CA HIS A 322 14.29 -20.52 -25.43
C HIS A 322 13.35 -20.79 -26.58
N TRP A 323 13.28 -19.86 -27.53
CA TRP A 323 12.44 -20.00 -28.70
C TRP A 323 12.57 -21.37 -29.36
N ASN A 324 11.49 -22.12 -29.38
CA ASN A 324 11.38 -23.34 -30.18
C ASN A 324 10.20 -23.18 -31.12
N TRP A 325 10.45 -23.30 -32.42
CA TRP A 325 9.42 -22.99 -33.40
C TRP A 325 8.23 -23.93 -33.25
N THR A 326 8.48 -25.23 -33.14
CA THR A 326 7.38 -26.18 -33.06
C THR A 326 6.53 -25.94 -31.82
N PHE A 327 7.16 -25.74 -30.66
CA PHE A 327 6.39 -25.55 -29.43
C PHE A 327 5.59 -24.27 -29.47
N VAL A 328 6.19 -23.19 -29.93
CA VAL A 328 5.50 -21.90 -29.92
C VAL A 328 4.35 -21.88 -30.92
N ILE A 329 4.60 -22.32 -32.15
CA ILE A 329 3.55 -22.34 -33.15
C ILE A 329 2.44 -23.30 -32.72
N SER A 330 2.82 -24.45 -32.17
CA SER A 330 1.84 -25.41 -31.69
C SER A 330 1.00 -24.81 -30.57
N THR A 331 1.61 -24.09 -29.63
CA THR A 331 0.83 -23.56 -28.53
C THR A 331 -0.09 -22.44 -28.98
N LEU A 332 0.34 -21.60 -29.92
CA LEU A 332 -0.56 -20.57 -30.43
C LEU A 332 -1.75 -21.20 -31.14
N LEU A 333 -1.48 -22.08 -32.10
CA LEU A 333 -2.56 -22.66 -32.89
C LEU A 333 -3.49 -23.50 -32.01
N PHE A 334 -2.92 -24.22 -31.05
CA PHE A 334 -3.72 -25.09 -30.21
C PHE A 334 -4.47 -24.35 -29.12
N CYS A 335 -3.94 -23.24 -28.61
CA CYS A 335 -4.75 -22.46 -27.67
C CYS A 335 -5.92 -21.83 -28.40
N LEU A 336 -5.72 -21.34 -29.63
CA LEU A 336 -6.85 -20.82 -30.39
C LEU A 336 -7.88 -21.91 -30.67
N ILE A 337 -7.43 -23.08 -31.14
CA ILE A 337 -8.36 -24.15 -31.46
C ILE A 337 -9.07 -24.65 -30.22
N ALA A 338 -8.35 -24.80 -29.11
CA ALA A 338 -8.98 -25.25 -27.87
C ALA A 338 -10.03 -24.27 -27.41
N ARG A 339 -9.72 -22.97 -27.45
CA ARG A 339 -10.70 -21.97 -27.04
C ARG A 339 -11.95 -22.04 -27.91
N VAL A 340 -11.76 -22.09 -29.24
CA VAL A 340 -12.91 -22.12 -30.14
C VAL A 340 -13.74 -23.36 -29.92
N LEU A 341 -13.08 -24.53 -29.83
CA LEU A 341 -13.81 -25.78 -29.65
C LEU A 341 -14.57 -25.81 -28.34
N GLY A 342 -13.93 -25.36 -27.27
CA GLY A 342 -14.58 -25.34 -25.98
C GLY A 342 -15.79 -24.44 -25.98
N VAL A 343 -15.63 -23.23 -26.54
CA VAL A 343 -16.75 -22.29 -26.57
C VAL A 343 -17.89 -22.85 -27.40
N LEU A 344 -17.59 -23.38 -28.58
CA LEU A 344 -18.63 -23.92 -29.44
C LEU A 344 -19.38 -25.05 -28.77
N GLY A 345 -18.63 -26.00 -28.19
CA GLY A 345 -19.26 -27.13 -27.55
C GLY A 345 -20.12 -26.73 -26.36
N LEU A 346 -19.60 -25.83 -25.53
CA LEU A 346 -20.34 -25.45 -24.34
C LEU A 346 -21.59 -24.65 -24.69
N THR A 347 -21.50 -23.73 -25.67
CA THR A 347 -22.69 -23.02 -26.09
C THR A 347 -23.71 -23.97 -26.70
N TRP A 348 -23.24 -24.94 -27.51
CA TRP A 348 -24.18 -25.90 -28.07
C TRP A 348 -24.87 -26.69 -26.98
N PHE A 349 -24.14 -27.04 -25.92
CA PHE A 349 -24.74 -27.89 -24.90
C PHE A 349 -25.68 -27.10 -23.99
N ILE A 350 -25.39 -25.82 -23.76
CA ILE A 350 -26.26 -25.03 -22.86
C ILE A 350 -27.42 -24.37 -23.58
N ASN A 351 -27.31 -24.11 -24.89
CA ASN A 351 -28.45 -23.57 -25.61
C ASN A 351 -29.59 -24.56 -25.74
N LYS A 352 -29.35 -25.83 -25.38
CA LYS A 352 -30.42 -26.81 -25.23
C LYS A 352 -31.02 -26.77 -23.83
N PHE A 353 -30.62 -25.80 -23.02
CA PHE A 353 -31.06 -25.67 -21.63
C PHE A 353 -31.65 -24.30 -21.32
N ARG A 354 -31.30 -23.27 -22.08
CA ARG A 354 -31.72 -21.93 -21.75
C ARG A 354 -32.83 -21.44 -22.67
N ILE A 355 -33.64 -20.53 -22.16
CA ILE A 355 -34.66 -19.88 -22.98
C ILE A 355 -34.02 -18.94 -23.99
N VAL A 356 -33.06 -18.13 -23.54
CA VAL A 356 -32.38 -17.19 -24.42
C VAL A 356 -31.11 -17.82 -24.98
N LYS A 357 -31.14 -18.17 -26.27
CA LYS A 357 -29.99 -18.78 -26.92
C LYS A 357 -28.81 -17.82 -26.95
N LEU A 358 -27.62 -18.36 -26.74
CA LEU A 358 -26.41 -17.59 -26.98
C LEU A 358 -26.19 -17.44 -28.47
N THR A 359 -26.25 -16.21 -28.97
CA THR A 359 -26.17 -15.97 -30.39
C THR A 359 -24.74 -16.23 -30.90
N PRO A 360 -24.59 -16.50 -32.19
CA PRO A 360 -23.24 -16.65 -32.75
C PRO A 360 -22.37 -15.42 -32.53
N LYS A 361 -22.98 -14.25 -32.42
CA LYS A 361 -22.26 -13.03 -32.09
C LYS A 361 -21.42 -13.22 -30.83
N ASP A 362 -22.08 -13.52 -29.71
CA ASP A 362 -21.38 -13.65 -28.45
C ASP A 362 -20.51 -14.90 -28.41
N GLN A 363 -20.90 -15.96 -29.12
CA GLN A 363 -20.02 -17.12 -29.24
C GLN A 363 -18.69 -16.73 -29.85
N PHE A 364 -18.72 -15.93 -30.92
CA PHE A 364 -17.48 -15.48 -31.53
C PHE A 364 -16.73 -14.55 -30.60
N ILE A 365 -17.44 -13.69 -29.88
CA ILE A 365 -16.77 -12.75 -28.97
C ILE A 365 -16.01 -13.51 -27.88
N ILE A 366 -16.64 -14.55 -27.34
CA ILE A 366 -15.99 -15.32 -26.27
C ILE A 366 -14.86 -16.17 -26.84
N ALA A 367 -15.12 -16.90 -27.91
CA ALA A 367 -14.10 -17.81 -28.45
C ALA A 367 -12.89 -17.04 -28.95
N TYR A 368 -13.08 -16.26 -30.00
CA TYR A 368 -12.00 -15.45 -30.57
C TYR A 368 -12.06 -14.09 -29.91
N GLY A 369 -11.17 -13.85 -28.96
CA GLY A 369 -11.19 -12.61 -28.23
C GLY A 369 -10.86 -12.82 -26.77
N GLY A 370 -10.86 -14.07 -26.34
CA GLY A 370 -10.33 -14.39 -25.04
C GLY A 370 -8.84 -14.22 -25.06
N LEU A 371 -8.33 -13.21 -24.35
CA LEU A 371 -6.93 -12.83 -24.44
C LEU A 371 -6.26 -12.94 -23.08
N ARG A 372 -5.06 -13.51 -23.08
CA ARG A 372 -4.32 -13.74 -21.85
C ARG A 372 -3.70 -12.45 -21.34
N GLY A 373 -3.09 -12.51 -20.17
CA GLY A 373 -2.39 -11.36 -19.66
C GLY A 373 -2.49 -11.17 -18.15
N ALA A 374 -1.35 -10.81 -17.55
CA ALA A 374 -1.25 -10.33 -16.17
C ALA A 374 -1.48 -11.42 -15.13
N ILE A 375 -1.92 -12.60 -15.56
CA ILE A 375 -1.99 -13.74 -14.66
C ILE A 375 -1.25 -14.91 -15.30
N ALA A 376 -1.48 -15.12 -16.60
CA ALA A 376 -0.76 -16.17 -17.31
C ALA A 376 0.74 -15.95 -17.24
N PHE A 377 1.18 -14.72 -17.53
CA PHE A 377 2.61 -14.44 -17.46
C PHE A 377 3.12 -14.64 -16.04
N SER A 378 2.44 -14.08 -15.06
CA SER A 378 2.91 -14.18 -13.69
C SER A 378 2.91 -15.62 -13.20
N LEU A 379 1.86 -16.37 -13.49
CA LEU A 379 1.82 -17.77 -13.09
C LEU A 379 2.94 -18.57 -13.73
N GLY A 380 3.19 -18.36 -15.03
CA GLY A 380 4.28 -19.05 -15.67
C GLY A 380 5.65 -18.61 -15.23
N TYR A 381 5.79 -17.36 -14.84
CA TYR A 381 7.08 -16.78 -14.49
C TYR A 381 7.58 -17.20 -13.12
N LEU A 382 6.68 -17.50 -12.19
CA LEU A 382 7.08 -17.95 -10.87
C LEU A 382 7.47 -19.41 -10.84
N LEU A 383 7.49 -20.09 -11.98
CA LEU A 383 7.99 -21.45 -12.05
C LEU A 383 9.49 -21.46 -11.79
N ASP A 384 9.91 -22.21 -10.80
CA ASP A 384 11.33 -22.27 -10.46
C ASP A 384 12.10 -23.06 -11.51
N LYS A 385 13.42 -22.94 -11.46
CA LYS A 385 14.30 -23.73 -12.32
C LYS A 385 14.68 -25.06 -11.68
N LYS A 386 14.62 -25.16 -10.36
CA LYS A 386 14.92 -26.42 -9.67
C LYS A 386 14.01 -27.54 -10.19
N HIS A 387 12.72 -27.27 -10.29
CA HIS A 387 11.79 -28.11 -11.02
C HIS A 387 11.51 -27.47 -12.37
N PHE A 388 10.82 -28.21 -13.23
CA PHE A 388 10.47 -27.72 -14.56
C PHE A 388 11.67 -27.13 -15.27
N PRO A 389 12.62 -27.95 -15.73
CA PRO A 389 13.82 -27.39 -16.37
C PRO A 389 13.51 -26.57 -17.61
N MET A 390 12.38 -26.78 -18.26
CA MET A 390 11.99 -26.01 -19.44
C MET A 390 11.10 -24.83 -19.11
N CYS A 391 11.23 -24.27 -17.91
CA CYS A 391 10.44 -23.09 -17.58
C CYS A 391 10.80 -21.89 -18.44
N ASP A 392 12.04 -21.81 -18.93
CA ASP A 392 12.38 -20.74 -19.88
C ASP A 392 11.56 -20.87 -21.16
N LEU A 393 11.42 -22.10 -21.66
CA LEU A 393 10.59 -22.32 -22.84
C LEU A 393 9.13 -22.02 -22.53
N PHE A 394 8.68 -22.34 -21.32
CA PHE A 394 7.31 -22.04 -20.94
C PHE A 394 7.07 -20.53 -20.92
N LEU A 395 8.01 -19.76 -20.36
CA LEU A 395 7.89 -18.30 -20.43
C LEU A 395 7.89 -17.79 -21.85
N THR A 396 8.76 -18.33 -22.70
CA THR A 396 8.76 -17.85 -24.09
C THR A 396 7.41 -18.11 -24.74
N ALA A 397 6.85 -19.31 -24.53
CA ALA A 397 5.55 -19.63 -25.12
C ALA A 397 4.45 -18.74 -24.56
N ILE A 398 4.45 -18.52 -23.24
CA ILE A 398 3.39 -17.72 -22.63
C ILE A 398 3.48 -16.27 -23.07
N ILE A 399 4.69 -15.72 -23.14
CA ILE A 399 4.86 -14.35 -23.60
C ILE A 399 4.42 -14.21 -25.04
N THR A 400 4.79 -15.18 -25.88
CA THR A 400 4.37 -15.14 -27.27
C THR A 400 2.85 -15.21 -27.38
N VAL A 401 2.23 -16.07 -26.59
CA VAL A 401 0.77 -16.19 -26.61
C VAL A 401 0.12 -14.89 -26.16
N ILE A 402 0.65 -14.28 -25.11
CA ILE A 402 0.09 -13.01 -24.62
C ILE A 402 0.18 -11.95 -25.70
N PHE A 403 1.36 -11.80 -26.32
CA PHE A 403 1.53 -10.78 -27.33
C PHE A 403 0.60 -11.03 -28.51
N PHE A 404 0.52 -12.27 -28.97
CA PHE A 404 -0.32 -12.58 -30.12
C PHE A 404 -1.80 -12.43 -29.81
N THR A 405 -2.24 -12.78 -28.61
CA THR A 405 -3.66 -12.73 -28.30
C THR A 405 -4.11 -11.35 -27.83
N VAL A 406 -3.17 -10.46 -27.50
CA VAL A 406 -3.54 -9.09 -27.16
C VAL A 406 -3.40 -8.16 -28.36
N PHE A 407 -2.34 -8.31 -29.14
CA PHE A 407 -2.12 -7.42 -30.27
C PHE A 407 -2.79 -7.90 -31.55
N VAL A 408 -3.26 -9.15 -31.60
CA VAL A 408 -3.88 -9.64 -32.83
C VAL A 408 -5.33 -10.03 -32.54
N GLN A 409 -5.55 -10.91 -31.57
CA GLN A 409 -6.92 -11.30 -31.27
C GLN A 409 -7.69 -10.23 -30.52
N GLY A 410 -7.03 -9.19 -30.04
CA GLY A 410 -7.73 -8.13 -29.34
C GLY A 410 -7.83 -6.87 -30.19
N MET A 411 -6.79 -6.61 -30.97
CA MET A 411 -6.81 -5.45 -31.85
C MET A 411 -7.64 -5.72 -33.09
N THR A 412 -7.72 -6.97 -33.53
CA THR A 412 -8.48 -7.29 -34.74
C THR A 412 -9.68 -8.14 -34.39
N ILE A 413 -10.34 -7.83 -33.28
CA ILE A 413 -11.64 -8.41 -32.98
C ILE A 413 -12.78 -7.48 -33.36
N ARG A 414 -12.59 -6.17 -33.25
CA ARG A 414 -13.66 -5.23 -33.58
C ARG A 414 -13.99 -5.24 -35.07
N PRO A 415 -13.03 -5.31 -36.00
CA PRO A 415 -13.43 -5.37 -37.42
C PRO A 415 -13.99 -6.72 -37.84
N LEU A 416 -13.45 -7.84 -37.36
CA LEU A 416 -13.96 -9.13 -37.81
C LEU A 416 -15.38 -9.40 -37.31
N VAL A 417 -15.80 -8.74 -36.23
CA VAL A 417 -17.15 -8.98 -35.75
C VAL A 417 -18.18 -8.28 -36.63
N ASP A 418 -17.82 -7.13 -37.24
CA ASP A 418 -18.67 -6.54 -38.25
C ASP A 418 -18.79 -7.44 -39.47
N LEU A 419 -17.71 -8.14 -39.81
CA LEU A 419 -17.73 -9.11 -40.91
C LEU A 419 -18.41 -10.39 -40.46
N LEU A 420 -19.63 -10.23 -39.97
CA LEU A 420 -20.44 -11.34 -39.49
C LEU A 420 -21.13 -12.05 -40.66
N LYS B 1 1.82 -38.14 1.17
CA LYS B 1 1.06 -36.96 1.59
C LYS B 1 -0.36 -37.00 1.04
N ALA B 2 -1.33 -37.33 1.90
CA ALA B 2 -2.73 -37.29 1.49
C ALA B 2 -3.17 -35.84 1.29
N PHE B 3 -4.26 -35.68 0.53
CA PHE B 3 -4.81 -34.36 0.23
C PHE B 3 -3.72 -33.47 -0.36
N PRO B 4 -3.38 -33.66 -1.64
CA PRO B 4 -2.18 -33.03 -2.20
C PRO B 4 -1.97 -31.55 -1.87
N VAL B 5 -2.91 -30.69 -2.23
CA VAL B 5 -2.68 -29.27 -2.06
C VAL B 5 -2.89 -28.81 -0.62
N LEU B 6 -3.80 -29.44 0.12
CA LEU B 6 -4.14 -28.98 1.45
C LEU B 6 -2.92 -28.95 2.35
N GLY B 7 -2.80 -27.87 3.12
CA GLY B 7 -1.68 -27.69 4.03
C GLY B 7 -2.09 -26.76 5.15
N ILE B 8 -1.11 -26.42 5.98
CA ILE B 8 -1.34 -25.53 7.11
C ILE B 8 -0.25 -24.45 7.13
N ASP B 9 0.37 -24.22 5.97
CA ASP B 9 1.53 -23.35 5.89
C ASP B 9 1.19 -21.95 6.39
N TYR B 10 1.76 -21.59 7.53
CA TYR B 10 1.51 -20.30 8.16
C TYR B 10 2.64 -19.31 7.95
N THR B 11 3.87 -19.79 7.84
CA THR B 11 5.00 -18.88 7.66
C THR B 11 4.91 -18.14 6.34
N HIS B 12 4.16 -18.66 5.37
CA HIS B 12 3.96 -17.94 4.12
C HIS B 12 3.22 -16.62 4.36
N VAL B 13 2.11 -16.67 5.07
CA VAL B 13 1.33 -15.49 5.40
C VAL B 13 1.42 -15.28 6.91
N ARG B 14 2.45 -14.57 7.34
CA ARG B 14 2.62 -14.20 8.73
C ARG B 14 2.71 -12.70 8.90
N THR B 15 3.57 -12.04 8.13
CA THR B 15 3.61 -10.59 8.16
C THR B 15 2.30 -9.98 7.67
N PRO B 16 1.79 -10.29 6.48
CA PRO B 16 0.54 -9.65 6.05
C PRO B 16 -0.63 -9.98 6.95
N PHE B 17 -0.72 -11.21 7.42
CA PHE B 17 -1.85 -11.60 8.25
C PHE B 17 -1.82 -10.91 9.60
N GLU B 18 -0.66 -10.89 10.26
CA GLU B 18 -0.60 -10.22 11.57
C GLU B 18 -0.75 -8.71 11.42
N ILE B 19 -0.21 -8.12 10.36
CA ILE B 19 -0.41 -6.69 10.16
C ILE B 19 -1.88 -6.36 9.95
N SER B 20 -2.57 -7.16 9.12
CA SER B 20 -3.99 -6.94 8.91
C SER B 20 -4.77 -7.17 10.19
N LEU B 21 -4.37 -8.15 10.98
CA LEU B 21 -5.03 -8.41 12.25
C LEU B 21 -4.89 -7.23 13.20
N TRP B 22 -3.69 -6.64 13.25
CA TRP B 22 -3.48 -5.48 14.10
C TRP B 22 -4.32 -4.30 13.64
N ILE B 23 -4.32 -4.03 12.34
CA ILE B 23 -5.10 -2.90 11.84
C ILE B 23 -6.59 -3.13 12.08
N LEU B 24 -7.05 -4.36 11.90
CA LEU B 24 -8.46 -4.68 12.14
C LEU B 24 -8.82 -4.49 13.60
N LEU B 25 -7.96 -4.96 14.51
CA LEU B 25 -8.21 -4.76 15.93
C LEU B 25 -8.26 -3.28 16.27
N ALA B 26 -7.33 -2.50 15.74
CA ALA B 26 -7.30 -1.07 16.04
C ALA B 26 -8.54 -0.37 15.52
N CYS B 27 -8.96 -0.69 14.30
CA CYS B 27 -10.14 -0.03 13.74
C CYS B 27 -11.41 -0.48 14.44
N LEU B 28 -11.48 -1.76 14.80
CA LEU B 28 -12.64 -2.27 15.51
C LEU B 28 -12.79 -1.61 16.87
N MET B 29 -11.67 -1.44 17.58
CA MET B 29 -11.74 -0.78 18.87
C MET B 29 -11.79 0.74 18.73
N LYS B 30 -11.52 1.27 17.53
CA LYS B 30 -11.77 2.68 17.28
C LYS B 30 -13.26 2.95 17.11
N ILE B 31 -13.95 2.07 16.37
CA ILE B 31 -15.40 2.22 16.27
C ILE B 31 -16.09 1.83 17.56
N GLY B 32 -15.43 1.04 18.41
CA GLY B 32 -15.92 0.86 19.76
C GLY B 32 -15.57 2.00 20.69
N PHE B 33 -14.77 2.95 20.21
CA PHE B 33 -14.31 4.09 20.99
C PHE B 33 -15.15 5.33 20.75
N HIS B 34 -15.83 5.40 19.60
CA HIS B 34 -16.69 6.54 19.29
C HIS B 34 -18.13 6.34 19.74
N VAL B 35 -18.60 5.09 19.84
CA VAL B 35 -19.95 4.84 20.29
C VAL B 35 -20.14 5.21 21.75
N ILE B 36 -19.06 5.24 22.53
CA ILE B 36 -19.20 5.62 23.94
C ILE B 36 -19.70 7.05 24.03
N PRO B 37 -20.65 7.36 24.92
CA PRO B 37 -21.32 8.67 24.88
C PRO B 37 -20.39 9.87 24.75
N THR B 38 -19.48 10.08 25.70
CA THR B 38 -18.53 11.19 25.64
C THR B 38 -17.15 10.73 26.09
N ILE B 39 -16.39 10.18 25.15
CA ILE B 39 -14.98 9.88 25.35
C ILE B 39 -14.19 10.45 24.19
N SER B 40 -14.88 10.69 23.07
CA SER B 40 -14.22 11.25 21.90
C SER B 40 -13.74 12.67 22.16
N SER B 41 -14.45 13.40 23.01
CA SER B 41 -14.08 14.77 23.37
C SER B 41 -13.49 14.87 24.77
N ILE B 42 -13.18 13.73 25.39
CA ILE B 42 -12.51 13.73 26.68
C ILE B 42 -11.05 13.29 26.57
N VAL B 43 -10.74 12.34 25.70
CA VAL B 43 -9.36 11.88 25.52
C VAL B 43 -9.00 12.03 24.04
N PRO B 44 -7.74 12.27 23.71
CA PRO B 44 -7.34 12.31 22.31
C PRO B 44 -7.28 10.92 21.71
N GLU B 45 -7.29 10.88 20.37
CA GLU B 45 -7.12 9.60 19.69
C GLU B 45 -5.79 8.94 20.05
N SER B 46 -4.80 9.76 20.43
CA SER B 46 -3.51 9.21 20.80
C SER B 46 -3.65 8.22 21.96
N CYS B 47 -4.53 8.52 22.92
CA CYS B 47 -4.75 7.58 24.02
C CYS B 47 -5.30 6.26 23.51
N LEU B 48 -6.24 6.30 22.58
CA LEU B 48 -6.76 5.07 21.99
C LEU B 48 -5.67 4.27 21.30
N LEU B 49 -4.80 4.96 20.54
CA LEU B 49 -3.72 4.25 19.87
C LEU B 49 -2.74 3.65 20.84
N ILE B 50 -2.43 4.35 21.94
CA ILE B 50 -1.59 3.79 23.00
C ILE B 50 -2.23 2.52 23.55
N VAL B 51 -3.54 2.57 23.82
CA VAL B 51 -4.20 1.43 24.43
C VAL B 51 -4.23 0.24 23.48
N VAL B 52 -4.49 0.49 22.19
CA VAL B 52 -4.47 -0.58 21.20
C VAL B 52 -3.07 -1.20 21.12
N GLY B 53 -2.04 -0.35 21.07
CA GLY B 53 -0.68 -0.87 21.06
C GLY B 53 -0.37 -1.69 22.29
N LEU B 54 -0.82 -1.24 23.45
CA LEU B 54 -0.61 -2.00 24.68
C LEU B 54 -1.28 -3.36 24.61
N LEU B 55 -2.51 -3.41 24.10
CA LEU B 55 -3.22 -4.69 24.02
C LEU B 55 -2.51 -5.64 23.07
N VAL B 56 -2.10 -5.14 21.91
CA VAL B 56 -1.42 -6.00 20.94
C VAL B 56 -0.07 -6.45 21.49
N GLY B 57 0.64 -5.57 22.18
CA GLY B 57 1.90 -5.96 22.78
C GLY B 57 1.72 -7.00 23.86
N GLY B 58 0.66 -6.87 24.66
CA GLY B 58 0.36 -7.90 25.63
C GLY B 58 0.05 -9.23 24.99
N LEU B 59 -0.70 -9.20 23.89
CA LEU B 59 -0.98 -10.43 23.15
C LEU B 59 0.29 -11.09 22.64
N ILE B 60 1.19 -10.29 22.06
CA ILE B 60 2.44 -10.84 21.53
C ILE B 60 3.31 -11.38 22.66
N LYS B 61 3.36 -10.67 23.79
CA LYS B 61 4.11 -11.16 24.94
C LYS B 61 3.54 -12.48 25.45
N GLY B 62 2.21 -12.60 25.48
CA GLY B 62 1.60 -13.84 25.92
C GLY B 62 1.87 -14.99 24.97
N VAL B 63 1.82 -14.72 23.67
CA VAL B 63 2.14 -15.76 22.69
C VAL B 63 3.58 -16.22 22.87
N GLY B 64 4.50 -15.28 23.04
CA GLY B 64 5.88 -15.59 23.31
C GLY B 64 6.81 -15.57 22.12
N GLU B 65 6.29 -15.37 20.92
CA GLU B 65 7.15 -15.40 19.74
C GLU B 65 7.82 -14.06 19.51
N THR B 66 8.68 -14.01 18.50
CA THR B 66 9.57 -12.88 18.31
C THR B 66 8.78 -11.60 18.07
N PRO B 67 9.09 -10.52 18.79
CA PRO B 67 8.42 -9.25 18.54
C PRO B 67 8.87 -8.64 17.23
N PRO B 68 7.95 -8.08 16.45
CA PRO B 68 8.36 -7.40 15.21
C PRO B 68 9.00 -6.06 15.51
N PHE B 69 9.63 -5.49 14.48
CA PHE B 69 10.36 -4.24 14.64
C PHE B 69 10.45 -3.51 13.31
N LEU B 70 10.63 -2.20 13.39
CA LEU B 70 10.85 -1.37 12.23
C LEU B 70 12.31 -1.47 11.80
N GLN B 71 12.55 -1.79 10.53
CA GLN B 71 13.93 -1.93 10.08
C GLN B 71 14.51 -0.61 9.59
N SER B 72 14.27 0.47 10.35
CA SER B 72 14.97 1.74 10.20
C SER B 72 14.80 2.35 8.81
N ASP B 73 14.13 1.65 7.92
CA ASP B 73 13.86 2.06 6.56
C ASP B 73 12.39 1.95 6.22
N VAL B 74 11.71 0.93 6.74
CA VAL B 74 10.27 0.87 6.56
C VAL B 74 9.61 2.11 7.15
N PHE B 75 10.12 2.59 8.29
CA PHE B 75 9.58 3.81 8.86
C PHE B 75 9.77 4.97 7.90
N PHE B 76 11.03 5.34 7.64
CA PHE B 76 11.32 6.56 6.88
C PHE B 76 10.80 6.48 5.45
N LEU B 77 10.48 5.28 4.97
CA LEU B 77 10.10 5.16 3.57
C LEU B 77 8.61 4.91 3.36
N PHE B 78 7.91 4.35 4.34
CA PHE B 78 6.53 3.96 4.14
C PHE B 78 5.58 4.35 5.25
N LEU B 79 6.08 4.84 6.39
CA LEU B 79 5.21 5.20 7.50
C LEU B 79 5.26 6.68 7.84
N LEU B 80 6.36 7.36 7.58
CA LEU B 80 6.45 8.80 7.78
C LEU B 80 5.72 9.57 6.69
N PRO B 81 6.00 9.32 5.40
CA PRO B 81 5.36 10.13 4.36
C PRO B 81 3.84 10.07 4.35
N PRO B 82 3.20 8.96 4.75
CA PRO B 82 1.73 9.04 4.89
C PRO B 82 1.27 10.07 5.91
N ILE B 83 1.85 10.04 7.10
CA ILE B 83 1.47 10.98 8.15
C ILE B 83 1.75 12.41 7.70
N ILE B 84 2.94 12.62 7.13
CA ILE B 84 3.31 13.96 6.72
C ILE B 84 2.40 14.45 5.60
N LEU B 85 2.00 13.57 4.69
CA LEU B 85 1.15 14.01 3.58
C LEU B 85 -0.25 14.31 4.05
N ASP B 86 -0.79 13.50 4.96
CA ASP B 86 -2.11 13.81 5.50
C ASP B 86 -2.08 15.17 6.20
N ALA B 87 -1.04 15.41 6.99
CA ALA B 87 -0.97 16.68 7.71
C ALA B 87 -0.80 17.86 6.74
N GLY B 88 0.17 17.78 5.85
CA GLY B 88 0.53 18.92 5.03
C GLY B 88 -0.34 19.14 3.82
N TYR B 89 -1.09 18.13 3.39
CA TYR B 89 -1.97 18.33 2.25
C TYR B 89 -3.20 19.16 2.62
N PHE B 90 -3.70 19.01 3.84
CA PHE B 90 -4.86 19.76 4.30
C PHE B 90 -4.47 21.06 5.01
N LEU B 91 -3.30 21.59 4.71
CA LEU B 91 -2.86 22.84 5.30
C LEU B 91 -3.62 24.00 4.67
N PRO B 92 -4.38 24.77 5.43
CA PRO B 92 -5.15 25.89 4.85
C PRO B 92 -4.25 27.08 4.56
N LEU B 93 -4.01 27.33 3.27
CA LEU B 93 -3.05 28.35 2.88
C LEU B 93 -3.52 29.76 3.21
N ARG B 94 -4.82 30.02 3.11
CA ARG B 94 -5.32 31.38 3.36
C ARG B 94 -4.91 31.85 4.75
N GLN B 95 -5.06 30.99 5.74
CA GLN B 95 -4.69 31.29 7.12
C GLN B 95 -3.34 30.70 7.50
N PHE B 96 -2.54 30.32 6.51
CA PHE B 96 -1.17 29.88 6.74
C PHE B 96 -0.19 30.96 6.30
N THR B 97 -0.30 31.38 5.04
CA THR B 97 0.51 32.49 4.57
C THR B 97 0.13 33.81 5.23
N GLU B 98 -1.06 33.88 5.81
CA GLU B 98 -1.48 35.06 6.55
C GLU B 98 -0.62 35.30 7.77
N ASN B 99 -0.18 34.24 8.43
CA ASN B 99 0.65 34.34 9.63
C ASN B 99 1.81 33.35 9.55
N LEU B 100 2.46 33.31 8.38
CA LEU B 100 3.57 32.38 8.19
C LEU B 100 4.73 32.72 9.13
N GLY B 101 4.92 33.99 9.45
CA GLY B 101 6.01 34.36 10.33
C GLY B 101 5.88 33.73 11.71
N THR B 102 4.69 33.79 12.29
CA THR B 102 4.50 33.25 13.64
C THR B 102 4.61 31.73 13.65
N ILE B 103 3.98 31.07 12.69
CA ILE B 103 4.07 29.61 12.61
C ILE B 103 5.53 29.19 12.42
N LEU B 104 6.23 29.87 11.51
CA LEU B 104 7.60 29.50 11.22
C LEU B 104 8.49 29.71 12.43
N ILE B 105 8.31 30.84 13.14
CA ILE B 105 9.16 31.10 14.29
C ILE B 105 8.87 30.09 15.39
N PHE B 106 7.59 29.82 15.68
CA PHE B 106 7.29 28.78 16.66
C PHE B 106 7.93 27.46 16.26
N ALA B 107 7.54 26.90 15.12
CA ALA B 107 8.07 25.60 14.72
C ALA B 107 9.59 25.58 14.81
N VAL B 108 10.27 26.38 13.99
CA VAL B 108 11.72 26.27 13.89
C VAL B 108 12.39 26.66 15.21
N VAL B 109 12.19 27.91 15.65
CA VAL B 109 12.95 28.41 16.78
C VAL B 109 12.55 27.70 18.06
N GLY B 110 11.26 27.46 18.27
CA GLY B 110 10.84 26.73 19.45
C GLY B 110 11.34 25.30 19.49
N THR B 111 11.36 24.62 18.33
CA THR B 111 11.93 23.28 18.31
C THR B 111 13.42 23.31 18.59
N LEU B 112 14.14 24.28 18.01
CA LEU B 112 15.57 24.39 18.27
C LEU B 112 15.82 24.67 19.75
N TRP B 113 15.06 25.59 20.33
CA TRP B 113 15.16 25.88 21.75
C TRP B 113 14.87 24.65 22.59
N ASN B 114 13.77 23.96 22.31
CA ASN B 114 13.39 22.82 23.12
C ASN B 114 14.46 21.74 23.04
N ALA B 115 14.93 21.46 21.82
CA ALA B 115 15.94 20.43 21.63
C ALA B 115 17.23 20.77 22.35
N PHE B 116 17.74 21.99 22.14
CA PHE B 116 19.02 22.34 22.74
C PHE B 116 18.92 22.49 24.25
N PHE B 117 17.81 23.03 24.75
CA PHE B 117 17.63 23.19 26.18
C PHE B 117 17.53 21.83 26.86
N LEU B 118 16.70 20.93 26.33
CA LEU B 118 16.61 19.59 26.89
C LEU B 118 17.95 18.87 26.80
N GLY B 119 18.63 18.96 25.66
CA GLY B 119 19.91 18.28 25.54
C GLY B 119 20.93 18.79 26.53
N GLY B 120 21.06 20.11 26.63
CA GLY B 120 22.04 20.68 27.53
C GLY B 120 21.73 20.38 28.98
N LEU B 121 20.46 20.49 29.38
CA LEU B 121 20.12 20.32 30.78
C LEU B 121 20.13 18.84 31.17
N MET B 122 19.73 17.96 30.26
CA MET B 122 19.92 16.52 30.46
C MET B 122 21.39 16.17 30.58
N TYR B 123 22.25 16.77 29.77
CA TYR B 123 23.67 16.53 29.88
C TYR B 123 24.21 17.03 31.22
N ALA B 124 23.73 18.19 31.67
CA ALA B 124 24.17 18.72 32.94
C ALA B 124 23.77 17.81 34.09
N VAL B 125 22.55 17.28 34.07
CA VAL B 125 22.15 16.37 35.13
C VAL B 125 22.84 15.01 34.99
N CYS B 126 23.20 14.61 33.78
CA CYS B 126 24.00 13.40 33.61
C CYS B 126 25.38 13.56 34.23
N LEU B 127 25.96 14.75 34.12
CA LEU B 127 27.23 15.00 34.80
C LEU B 127 27.08 14.90 36.31
N VAL B 128 25.88 15.14 36.84
CA VAL B 128 25.70 15.18 38.28
C VAL B 128 25.53 13.77 38.83
N GLY B 129 24.48 13.08 38.43
CA GLY B 129 24.22 11.72 38.87
C GLY B 129 24.90 10.74 37.93
N GLY B 130 25.60 9.78 38.52
CA GLY B 130 26.43 8.91 37.72
C GLY B 130 26.28 7.43 37.94
N GLU B 131 27.28 6.68 37.49
CA GLU B 131 27.44 5.24 37.68
C GLU B 131 26.46 4.43 36.84
N GLN B 132 25.45 5.09 36.27
CA GLN B 132 24.61 4.48 35.24
C GLN B 132 24.43 5.38 34.04
N ILE B 133 24.44 6.69 34.26
CA ILE B 133 24.36 7.69 33.20
C ILE B 133 25.56 8.62 33.20
N ASN B 134 26.61 8.30 33.95
CA ASN B 134 27.74 9.20 34.09
C ASN B 134 28.40 9.44 32.73
N ASN B 135 28.47 8.38 31.91
CA ASN B 135 29.09 8.49 30.59
C ASN B 135 27.97 8.52 29.54
N ILE B 136 27.45 9.72 29.31
CA ILE B 136 26.50 9.96 28.24
C ILE B 136 27.10 10.82 27.14
N GLY B 137 27.67 11.96 27.50
CA GLY B 137 28.23 12.87 26.53
C GLY B 137 27.22 13.88 26.03
N LEU B 138 27.72 14.87 25.31
CA LEU B 138 26.87 15.98 24.86
C LEU B 138 26.16 15.62 23.55
N LEU B 139 26.93 15.33 22.50
CA LEU B 139 26.33 15.04 21.20
C LEU B 139 25.44 13.81 21.23
N ASP B 140 25.66 12.91 22.18
CA ASP B 140 24.75 11.79 22.39
C ASP B 140 23.51 12.19 23.16
N ASN B 141 23.50 13.38 23.77
CA ASN B 141 22.37 13.85 24.55
C ASN B 141 21.55 14.89 23.82
N LEU B 142 22.18 15.69 22.97
CA LEU B 142 21.42 16.60 22.11
C LEU B 142 20.54 15.83 21.14
N LEU B 143 20.97 14.64 20.72
CA LEU B 143 20.11 13.82 19.87
C LEU B 143 18.87 13.39 20.63
N PHE B 144 19.02 13.00 21.89
CA PHE B 144 17.86 12.66 22.70
C PHE B 144 16.96 13.87 22.90
N GLY B 145 17.56 15.03 23.14
CA GLY B 145 16.77 16.24 23.26
C GLY B 145 15.99 16.56 22.00
N SER B 146 16.57 16.28 20.83
CA SER B 146 15.88 16.57 19.58
C SER B 146 14.77 15.55 19.34
N ILE B 147 15.03 14.27 19.59
CA ILE B 147 14.02 13.24 19.34
C ILE B 147 12.94 13.22 20.40
N ILE B 148 13.12 13.94 21.50
CA ILE B 148 12.05 14.07 22.49
C ILE B 148 11.31 15.39 22.32
N SER B 149 11.84 16.30 21.51
CA SER B 149 11.16 17.56 21.20
C SER B 149 10.25 17.45 19.99
N ALA B 150 10.14 16.24 19.42
CA ALA B 150 9.19 16.00 18.33
C ALA B 150 7.77 15.95 18.88
N VAL B 151 7.23 17.14 19.10
CA VAL B 151 5.94 17.29 19.75
C VAL B 151 4.83 17.29 18.70
N ASP B 152 3.65 16.84 19.11
CA ASP B 152 2.49 16.71 18.21
C ASP B 152 1.29 17.37 18.88
N PRO B 153 1.23 18.70 18.89
CA PRO B 153 0.16 19.37 19.65
C PRO B 153 -1.20 19.28 19.00
N VAL B 154 -1.30 18.98 17.70
CA VAL B 154 -2.61 18.96 17.05
C VAL B 154 -3.47 17.83 17.57
N ALA B 155 -2.86 16.85 18.25
CA ALA B 155 -3.64 15.77 18.83
C ALA B 155 -4.58 16.25 19.91
N VAL B 156 -4.32 17.43 20.49
CA VAL B 156 -5.15 17.90 21.58
C VAL B 156 -6.41 18.58 21.08
N LEU B 157 -6.45 18.98 19.81
CA LEU B 157 -7.60 19.70 19.28
C LEU B 157 -8.86 18.86 19.27
N ALA B 158 -8.75 17.54 19.27
CA ALA B 158 -9.91 16.67 19.36
C ALA B 158 -10.61 16.75 20.69
N VAL B 159 -9.98 17.38 21.69
CA VAL B 159 -10.56 17.51 23.01
C VAL B 159 -11.36 18.79 23.15
N PHE B 160 -11.13 19.76 22.26
CA PHE B 160 -11.84 21.03 22.30
C PHE B 160 -12.94 21.04 21.25
N GLU B 161 -13.56 22.20 21.05
CA GLU B 161 -14.62 22.36 20.07
C GLU B 161 -14.45 23.72 19.40
N GLU B 162 -15.50 24.19 18.72
CA GLU B 162 -15.43 25.43 17.96
C GLU B 162 -15.04 26.62 18.82
N ILE B 163 -15.46 26.67 20.08
CA ILE B 163 -15.01 27.71 20.99
C ILE B 163 -13.71 27.22 21.65
N HIS B 164 -12.99 28.17 22.26
CA HIS B 164 -11.66 27.97 22.82
C HIS B 164 -10.60 27.71 21.77
N ILE B 165 -10.96 27.61 20.49
CA ILE B 165 -10.01 27.43 19.40
C ILE B 165 -10.27 28.53 18.39
N ASN B 166 -9.42 29.56 18.42
CA ASN B 166 -9.56 30.67 17.49
C ASN B 166 -9.23 30.22 16.07
N GLU B 167 -9.32 31.15 15.13
CA GLU B 167 -8.70 30.92 13.83
C GLU B 167 -7.20 30.78 13.96
N LEU B 168 -6.58 31.60 14.81
CA LEU B 168 -5.14 31.67 14.93
C LEU B 168 -4.53 30.48 15.64
N LEU B 169 -5.16 29.98 16.70
CA LEU B 169 -4.62 28.87 17.46
C LEU B 169 -4.60 27.58 16.64
N HIS B 170 -5.65 27.34 15.85
CA HIS B 170 -5.73 26.09 15.10
C HIS B 170 -4.59 26.00 14.08
N ILE B 171 -4.44 27.04 13.25
CA ILE B 171 -3.36 27.00 12.27
C ILE B 171 -2.01 27.04 12.94
N LEU B 172 -1.91 27.69 14.10
CA LEU B 172 -0.64 27.76 14.79
C LEU B 172 -0.19 26.40 15.28
N VAL B 173 -1.08 25.67 15.95
CA VAL B 173 -0.70 24.32 16.38
C VAL B 173 -0.51 23.40 15.18
N PHE B 174 -1.27 23.61 14.10
CA PHE B 174 -1.10 22.80 12.91
C PHE B 174 0.31 22.95 12.34
N GLY B 175 0.72 24.18 12.12
CA GLY B 175 2.05 24.43 11.61
C GLY B 175 3.15 24.01 12.57
N GLU B 176 2.94 24.21 13.86
CA GLU B 176 3.91 23.73 14.83
C GLU B 176 4.11 22.23 14.69
N SER B 177 3.02 21.46 14.70
CA SER B 177 3.13 20.02 14.58
C SER B 177 3.87 19.63 13.30
N LEU B 178 3.47 20.21 12.18
CA LEU B 178 4.01 19.80 10.88
C LEU B 178 5.49 20.15 10.77
N LEU B 179 5.81 21.45 10.85
CA LEU B 179 7.20 21.85 10.68
C LEU B 179 8.08 21.38 11.82
N ASN B 180 7.51 21.10 12.99
CA ASN B 180 8.27 20.47 14.07
C ASN B 180 8.65 19.05 13.72
N ASP B 181 7.71 18.28 13.16
CA ASP B 181 8.07 16.95 12.70
C ASP B 181 9.14 16.98 11.63
N ALA B 182 9.18 18.03 10.81
CA ALA B 182 10.28 18.15 9.85
C ALA B 182 11.61 18.48 10.54
N VAL B 183 11.60 19.49 11.41
CA VAL B 183 12.83 19.99 11.99
C VAL B 183 13.45 18.97 12.93
N THR B 184 12.63 18.24 13.67
CA THR B 184 13.17 17.24 14.59
C THR B 184 13.88 16.13 13.84
N VAL B 185 13.36 15.75 12.66
CA VAL B 185 14.04 14.72 11.88
C VAL B 185 15.33 15.25 11.31
N VAL B 186 15.34 16.50 10.84
CA VAL B 186 16.58 17.09 10.35
C VAL B 186 17.63 17.11 11.46
N LEU B 187 17.24 17.53 12.65
CA LEU B 187 18.17 17.55 13.78
C LEU B 187 18.60 16.14 14.17
N TYR B 188 17.70 15.18 14.05
CA TYR B 188 18.05 13.79 14.35
C TYR B 188 19.17 13.32 13.44
N HIS B 189 19.04 13.59 12.15
CA HIS B 189 20.09 13.20 11.21
C HIS B 189 21.39 13.96 11.50
N LEU B 190 21.29 15.25 11.78
CA LEU B 190 22.48 16.05 12.07
C LEU B 190 23.24 15.49 13.27
N PHE B 191 22.55 15.25 14.37
CA PHE B 191 23.23 14.78 15.57
C PHE B 191 23.71 13.34 15.41
N GLU B 192 22.94 12.50 14.72
CA GLU B 192 23.39 11.14 14.47
C GLU B 192 24.66 11.13 13.63
N GLU B 193 24.80 12.11 12.72
CA GLU B 193 26.04 12.19 11.96
C GLU B 193 27.19 12.72 12.81
N PHE B 194 26.94 13.73 13.64
CA PHE B 194 28.02 14.24 14.49
C PHE B 194 28.49 13.21 15.51
N ALA B 195 27.62 12.29 15.93
CA ALA B 195 27.97 11.38 17.01
C ALA B 195 29.13 10.47 16.65
N ASN B 196 29.33 10.23 15.35
CA ASN B 196 30.39 9.30 14.93
C ASN B 196 31.77 9.83 15.32
N TYR B 197 32.16 10.97 14.76
CA TYR B 197 33.52 11.44 14.97
C TYR B 197 33.64 12.26 16.25
N GLU B 198 34.71 12.00 17.00
CA GLU B 198 34.94 12.61 18.30
C GLU B 198 35.72 13.92 18.20
N HIS B 199 36.16 14.31 17.02
CA HIS B 199 36.88 15.56 16.81
C HIS B 199 35.93 16.54 16.14
N VAL B 200 35.16 17.26 16.94
CA VAL B 200 34.24 18.27 16.47
C VAL B 200 34.78 19.63 16.90
N GLY B 201 34.83 20.57 15.94
CA GLY B 201 35.36 21.88 16.19
C GLY B 201 34.36 22.98 15.87
N ILE B 202 34.83 24.22 15.97
CA ILE B 202 34.00 25.36 15.63
C ILE B 202 33.58 25.31 14.17
N VAL B 203 34.52 24.97 13.30
CA VAL B 203 34.21 24.85 11.88
C VAL B 203 33.14 23.78 11.66
N ASP B 204 33.25 22.67 12.39
CA ASP B 204 32.26 21.61 12.25
C ASP B 204 30.88 22.05 12.71
N ILE B 205 30.81 22.82 13.79
CA ILE B 205 29.52 23.30 14.27
C ILE B 205 28.91 24.28 13.29
N PHE B 206 29.73 25.19 12.75
CA PHE B 206 29.24 26.12 11.73
C PHE B 206 28.74 25.36 10.51
N LEU B 207 29.48 24.33 10.08
CA LEU B 207 29.05 23.54 8.93
C LEU B 207 27.78 22.78 9.24
N GLY B 208 27.60 22.34 10.49
CA GLY B 208 26.36 21.67 10.85
C GLY B 208 25.17 22.60 10.79
N PHE B 209 25.33 23.83 11.28
CA PHE B 209 24.27 24.83 11.19
C PHE B 209 23.93 25.13 9.73
N LEU B 210 24.97 25.34 8.92
CA LEU B 210 24.78 25.59 7.50
C LEU B 210 24.06 24.43 6.84
N SER B 211 24.43 23.19 7.19
CA SER B 211 23.84 22.02 6.58
C SER B 211 22.40 21.84 7.04
N PHE B 212 22.09 22.23 8.26
CA PHE B 212 20.70 22.23 8.70
C PHE B 212 19.86 23.09 7.77
N PHE B 213 20.31 24.32 7.55
CA PHE B 213 19.54 25.20 6.68
C PHE B 213 19.51 24.68 5.23
N VAL B 214 20.64 24.15 4.75
CA VAL B 214 20.69 23.62 3.38
C VAL B 214 19.73 22.45 3.22
N VAL B 215 19.69 21.56 4.21
CA VAL B 215 18.79 20.40 4.15
C VAL B 215 17.35 20.88 4.10
N ALA B 216 16.98 21.77 5.00
CA ALA B 216 15.58 22.22 5.03
C ALA B 216 15.19 22.90 3.71
N LEU B 217 16.01 23.84 3.25
CA LEU B 217 15.64 24.60 2.06
C LEU B 217 15.72 23.74 0.80
N GLY B 218 16.68 22.82 0.72
CA GLY B 218 16.75 21.94 -0.42
C GLY B 218 15.55 21.02 -0.50
N GLY B 219 15.11 20.52 0.65
CA GLY B 219 13.83 19.81 0.68
C GLY B 219 12.71 20.68 0.15
N VAL B 220 12.66 21.94 0.59
CA VAL B 220 11.60 22.82 0.14
C VAL B 220 11.63 22.98 -1.39
N LEU B 221 12.82 23.19 -1.95
CA LEU B 221 12.95 23.40 -3.40
C LEU B 221 12.54 22.16 -4.19
N VAL B 222 12.96 20.97 -3.73
CA VAL B 222 12.51 19.74 -4.38
C VAL B 222 10.98 19.66 -4.31
N GLY B 223 10.42 20.09 -3.18
CA GLY B 223 8.98 20.10 -3.04
C GLY B 223 8.29 20.99 -4.06
N VAL B 224 8.82 22.20 -4.26
CA VAL B 224 8.19 23.10 -5.22
C VAL B 224 8.31 22.54 -6.63
N VAL B 225 9.47 21.95 -6.96
CA VAL B 225 9.64 21.42 -8.30
C VAL B 225 8.61 20.33 -8.57
N TYR B 226 8.49 19.38 -7.65
CA TYR B 226 7.54 18.30 -7.87
C TYR B 226 6.10 18.77 -7.76
N GLY B 227 5.82 19.78 -6.95
CA GLY B 227 4.47 20.32 -6.89
C GLY B 227 4.05 21.01 -8.17
N VAL B 228 4.96 21.78 -8.76
CA VAL B 228 4.68 22.41 -10.05
C VAL B 228 4.47 21.35 -11.12
N ILE B 229 5.31 20.31 -11.13
CA ILE B 229 5.13 19.24 -12.11
C ILE B 229 3.78 18.56 -11.91
N ALA B 230 3.41 18.31 -10.65
CA ALA B 230 2.12 17.68 -10.37
C ALA B 230 0.96 18.56 -10.81
N ALA B 231 1.05 19.87 -10.58
CA ALA B 231 0.01 20.77 -11.07
C ALA B 231 -0.12 20.72 -12.58
N PHE B 232 1.02 20.78 -13.28
CA PHE B 232 1.00 20.74 -14.73
C PHE B 232 0.36 19.46 -15.25
N THR B 233 0.70 18.31 -14.64
CA THR B 233 0.12 17.06 -15.09
C THR B 233 -1.36 16.96 -14.72
N SER B 234 -1.74 17.47 -13.55
CA SER B 234 -3.14 17.43 -13.17
C SER B 234 -4.01 18.28 -14.08
N ARG B 235 -3.44 19.34 -14.65
CA ARG B 235 -4.19 20.13 -15.62
C ARG B 235 -4.44 19.37 -16.92
N PHE B 236 -3.76 18.24 -17.14
CA PHE B 236 -3.92 17.47 -18.36
C PHE B 236 -4.58 16.11 -18.13
N THR B 237 -5.44 16.00 -17.13
CA THR B 237 -5.95 14.68 -16.76
C THR B 237 -7.48 14.68 -16.69
N SER B 238 -8.14 15.48 -17.53
CA SER B 238 -9.60 15.51 -17.54
C SER B 238 -10.16 14.18 -18.03
N HIS B 239 -9.52 13.57 -19.03
CA HIS B 239 -10.09 12.42 -19.70
C HIS B 239 -10.24 11.23 -18.77
N ILE B 240 -9.16 10.85 -18.09
CA ILE B 240 -9.18 9.73 -17.16
C ILE B 240 -9.27 10.31 -15.76
N ARG B 241 -10.39 10.08 -15.08
CA ARG B 241 -10.67 10.69 -13.80
C ARG B 241 -10.42 9.75 -12.62
N VAL B 242 -9.83 8.58 -12.87
CA VAL B 242 -9.60 7.59 -11.83
C VAL B 242 -8.16 7.61 -11.35
N ILE B 243 -7.24 8.13 -12.16
CA ILE B 243 -5.81 8.14 -11.85
C ILE B 243 -5.37 9.46 -11.24
N GLU B 244 -6.27 10.46 -11.17
CA GLU B 244 -5.90 11.75 -10.58
C GLU B 244 -5.39 11.61 -9.16
N PRO B 245 -6.06 10.89 -8.24
CA PRO B 245 -5.44 10.67 -6.93
C PRO B 245 -4.11 9.99 -7.03
N LEU B 246 -3.96 9.07 -7.98
CA LEU B 246 -2.70 8.37 -8.11
C LEU B 246 -1.58 9.31 -8.52
N PHE B 247 -1.87 10.29 -9.40
CA PHE B 247 -0.86 11.30 -9.68
C PHE B 247 -0.51 12.10 -8.43
N VAL B 248 -1.51 12.49 -7.63
CA VAL B 248 -1.19 13.28 -6.45
C VAL B 248 -0.25 12.51 -5.51
N PHE B 249 -0.62 11.26 -5.20
CA PHE B 249 0.19 10.50 -4.25
C PHE B 249 1.55 10.16 -4.85
N LEU B 250 1.59 9.84 -6.15
CA LEU B 250 2.85 9.49 -6.79
C LEU B 250 3.81 10.67 -6.77
N TYR B 251 3.31 11.86 -7.09
CA TYR B 251 4.20 13.02 -7.13
C TYR B 251 4.66 13.42 -5.74
N SER B 252 3.79 13.33 -4.74
CA SER B 252 4.23 13.62 -3.39
C SER B 252 5.29 12.63 -2.93
N TYR B 253 5.07 11.34 -3.20
CA TYR B 253 6.04 10.34 -2.77
C TYR B 253 7.35 10.46 -3.52
N MET B 254 7.30 10.82 -4.80
CA MET B 254 8.53 11.01 -5.54
C MET B 254 9.28 12.24 -5.06
N ALA B 255 8.56 13.30 -4.66
CA ALA B 255 9.25 14.44 -4.04
C ALA B 255 9.93 14.02 -2.75
N TYR B 256 9.24 13.24 -1.92
CA TYR B 256 9.84 12.75 -0.68
C TYR B 256 11.09 11.93 -0.96
N LEU B 257 11.01 11.00 -1.92
CA LEU B 257 12.12 10.10 -2.19
C LEU B 257 13.27 10.83 -2.86
N SER B 258 12.97 11.82 -3.70
CA SER B 258 14.03 12.59 -4.32
C SER B 258 14.74 13.47 -3.32
N ALA B 259 14.01 13.97 -2.31
CA ALA B 259 14.69 14.68 -1.23
C ALA B 259 15.54 13.74 -0.38
N GLU B 260 14.99 12.59 -0.02
CA GLU B 260 15.74 11.61 0.77
C GLU B 260 16.92 11.03 0.02
N LEU B 261 16.91 11.10 -1.31
CA LEU B 261 18.04 10.60 -2.09
C LEU B 261 19.31 11.39 -1.79
N PHE B 262 19.18 12.71 -1.67
CA PHE B 262 20.30 13.58 -1.36
C PHE B 262 20.47 13.80 0.13
N HIS B 263 19.73 13.07 0.96
CA HIS B 263 19.67 13.26 2.40
C HIS B 263 19.08 14.61 2.78
N LEU B 264 18.43 15.29 1.83
CA LEU B 264 17.70 16.51 2.14
C LEU B 264 16.49 16.17 3.02
N SER B 265 15.75 17.19 3.41
CA SER B 265 14.60 16.98 4.28
C SER B 265 13.45 16.44 3.43
N GLY B 266 13.18 15.14 3.57
CA GLY B 266 12.05 14.57 2.87
C GLY B 266 10.72 15.11 3.35
N ILE B 267 10.62 15.34 4.65
CA ILE B 267 9.37 15.87 5.21
C ILE B 267 9.08 17.25 4.67
N MET B 268 10.09 18.12 4.63
CA MET B 268 9.89 19.45 4.08
C MET B 268 9.54 19.39 2.60
N ALA B 269 10.18 18.49 1.85
CA ALA B 269 9.88 18.36 0.44
C ALA B 269 8.45 17.92 0.22
N LEU B 270 7.99 16.96 1.01
CA LEU B 270 6.64 16.46 0.85
C LEU B 270 5.61 17.54 1.23
N ILE B 271 5.88 18.28 2.32
CA ILE B 271 4.99 19.37 2.71
C ILE B 271 4.92 20.41 1.60
N ALA B 272 6.07 20.78 1.06
CA ALA B 272 6.10 21.81 0.02
C ALA B 272 5.36 21.34 -1.22
N SER B 273 5.56 20.09 -1.63
CA SER B 273 4.85 19.58 -2.81
C SER B 273 3.35 19.60 -2.59
N GLY B 274 2.90 19.13 -1.42
CA GLY B 274 1.47 19.15 -1.15
C GLY B 274 0.88 20.55 -1.16
N VAL B 275 1.57 21.48 -0.50
CA VAL B 275 1.09 22.85 -0.41
C VAL B 275 1.06 23.49 -1.78
N VAL B 276 2.09 23.28 -2.59
CA VAL B 276 2.17 23.93 -3.89
C VAL B 276 1.13 23.34 -4.84
N MET B 277 0.88 22.04 -4.76
CA MET B 277 -0.11 21.47 -5.66
C MET B 277 -1.54 21.74 -5.25
N ARG B 278 -1.84 21.84 -3.95
CA ARG B 278 -3.24 21.89 -3.50
C ARG B 278 -4.12 22.88 -4.25
N PRO B 279 -3.76 24.16 -4.41
CA PRO B 279 -4.69 25.07 -5.10
C PRO B 279 -4.83 24.72 -6.56
N TYR B 280 -3.76 24.18 -7.14
CA TYR B 280 -3.74 23.87 -8.56
C TYR B 280 -4.40 22.53 -8.87
N VAL B 281 -4.66 21.72 -7.86
CA VAL B 281 -5.62 20.65 -7.96
C VAL B 281 -6.89 21.16 -7.30
N GLU B 282 -7.96 20.35 -7.37
CA GLU B 282 -9.29 20.73 -6.89
C GLU B 282 -9.92 21.79 -7.79
N ALA B 283 -9.13 22.34 -8.70
CA ALA B 283 -9.64 23.24 -9.73
C ALA B 283 -9.61 22.60 -11.11
N ASN B 284 -8.83 21.53 -11.26
CA ASN B 284 -8.78 20.76 -12.48
C ASN B 284 -9.25 19.33 -12.28
N ILE B 285 -9.88 19.02 -11.15
CA ILE B 285 -10.15 17.67 -10.70
C ILE B 285 -11.61 17.53 -10.33
N SER B 286 -12.17 16.35 -10.57
CA SER B 286 -13.53 16.06 -10.18
C SER B 286 -13.67 16.14 -8.66
N HIS B 287 -14.89 16.44 -8.21
CA HIS B 287 -15.15 16.50 -6.78
C HIS B 287 -15.01 15.12 -6.14
N LYS B 288 -15.42 14.08 -6.87
CA LYS B 288 -15.28 12.72 -6.38
C LYS B 288 -13.81 12.36 -6.18
N SER B 289 -12.97 12.76 -7.13
CA SER B 289 -11.54 12.46 -7.02
C SER B 289 -10.91 13.22 -5.85
N HIS B 290 -11.32 14.47 -5.64
CA HIS B 290 -10.85 15.20 -4.47
C HIS B 290 -11.29 14.51 -3.19
N THR B 291 -12.54 14.06 -3.14
CA THR B 291 -13.04 13.38 -1.95
C THR B 291 -12.26 12.11 -1.68
N THR B 292 -11.94 11.35 -2.73
CA THR B 292 -11.21 10.10 -2.50
C THR B 292 -9.74 10.39 -2.16
N ILE B 293 -9.19 11.50 -2.64
CA ILE B 293 -7.85 11.90 -2.20
C ILE B 293 -7.87 12.13 -0.69
N LYS B 294 -8.86 12.90 -0.23
CA LYS B 294 -8.99 13.17 1.20
C LYS B 294 -9.16 11.88 1.98
N TYR B 295 -10.03 11.00 1.51
CA TYR B 295 -10.33 9.77 2.23
C TYR B 295 -9.11 8.87 2.31
N PHE B 296 -8.36 8.74 1.21
CA PHE B 296 -7.21 7.86 1.23
C PHE B 296 -6.10 8.45 2.09
N LEU B 297 -5.93 9.77 2.07
CA LEU B 297 -4.98 10.39 2.99
C LEU B 297 -5.34 10.07 4.44
N LYS B 298 -6.61 10.28 4.81
CA LYS B 298 -7.01 10.01 6.17
C LYS B 298 -6.79 8.55 6.55
N MET B 299 -7.23 7.64 5.68
CA MET B 299 -7.18 6.21 5.99
C MET B 299 -5.75 5.72 6.08
N TRP B 300 -4.91 6.13 5.13
CA TRP B 300 -3.53 5.66 5.08
C TRP B 300 -2.70 6.26 6.20
N SER B 301 -2.96 7.53 6.55
CA SER B 301 -2.32 8.12 7.72
C SER B 301 -2.76 7.42 9.00
N SER B 302 -4.04 7.11 9.12
CA SER B 302 -4.52 6.39 10.30
C SER B 302 -3.85 5.03 10.42
N VAL B 303 -3.71 4.33 9.29
CA VAL B 303 -3.02 3.04 9.32
C VAL B 303 -1.57 3.19 9.75
N SER B 304 -0.86 4.18 9.19
CA SER B 304 0.54 4.36 9.56
C SER B 304 0.71 4.70 11.03
N GLU B 305 -0.11 5.63 11.54
CA GLU B 305 -0.04 5.98 12.95
C GLU B 305 -0.38 4.80 13.83
N THR B 306 -1.39 4.02 13.44
CA THR B 306 -1.75 2.83 14.19
C THR B 306 -0.59 1.84 14.25
N LEU B 307 0.07 1.60 13.12
CA LEU B 307 1.18 0.65 13.12
C LEU B 307 2.32 1.15 13.99
N ILE B 308 2.62 2.45 13.93
CA ILE B 308 3.69 2.99 14.77
C ILE B 308 3.34 2.83 16.24
N PHE B 309 2.09 3.11 16.61
CA PHE B 309 1.72 2.97 18.02
C PHE B 309 1.65 1.50 18.44
N ILE B 310 1.33 0.59 17.52
CA ILE B 310 1.40 -0.83 17.83
C ILE B 310 2.83 -1.22 18.15
N PHE B 311 3.78 -0.74 17.35
CA PHE B 311 5.18 -0.98 17.64
C PHE B 311 5.57 -0.36 18.98
N LEU B 312 4.99 0.79 19.32
CA LEU B 312 5.25 1.39 20.63
C LEU B 312 4.78 0.48 21.76
N GLY B 313 3.58 -0.07 21.63
CA GLY B 313 3.09 -0.99 22.65
C GLY B 313 3.93 -2.24 22.75
N VAL B 314 4.33 -2.80 21.60
CA VAL B 314 5.17 -3.98 21.61
C VAL B 314 6.51 -3.69 22.27
N SER B 315 7.07 -2.50 22.02
CA SER B 315 8.36 -2.17 22.61
C SER B 315 8.25 -1.90 24.11
N THR B 316 7.13 -1.31 24.55
CA THR B 316 7.00 -1.02 25.97
C THR B 316 6.65 -2.26 26.79
N VAL B 317 5.93 -3.22 26.21
CA VAL B 317 5.60 -4.43 26.96
C VAL B 317 6.62 -5.52 26.73
N ALA B 318 7.02 -5.75 25.48
CA ALA B 318 7.92 -6.85 25.12
C ALA B 318 9.31 -6.35 24.73
N GLY B 319 9.81 -5.33 25.43
CA GLY B 319 11.12 -4.77 25.13
C GLY B 319 11.97 -4.69 26.39
N SER B 320 13.25 -4.42 26.17
CA SER B 320 14.21 -4.26 27.24
C SER B 320 14.21 -2.82 27.71
N HIS B 321 14.24 -2.64 29.03
CA HIS B 321 14.09 -1.33 29.63
C HIS B 321 15.25 -1.08 30.59
N HIS B 322 15.63 0.19 30.72
CA HIS B 322 16.73 0.63 31.57
C HIS B 322 16.29 1.79 32.44
N TRP B 323 15.18 1.61 33.15
CA TRP B 323 14.68 2.63 34.06
C TRP B 323 15.76 3.21 34.96
N ASN B 324 16.01 4.50 34.81
CA ASN B 324 16.83 5.26 35.75
C ASN B 324 15.98 6.40 36.29
N TRP B 325 15.84 6.45 37.61
CA TRP B 325 14.91 7.41 38.20
C TRP B 325 15.32 8.85 37.90
N THR B 326 16.61 9.16 38.08
CA THR B 326 17.05 10.54 37.87
C THR B 326 16.85 10.97 36.43
N PHE B 327 17.23 10.12 35.47
CA PHE B 327 17.11 10.50 34.07
C PHE B 327 15.65 10.66 33.66
N VAL B 328 14.79 9.74 34.07
CA VAL B 328 13.40 9.79 33.65
C VAL B 328 12.68 10.98 34.27
N ILE B 329 12.84 11.16 35.60
CA ILE B 329 12.18 12.29 36.25
C ILE B 329 12.72 13.60 35.71
N SER B 330 14.03 13.67 35.49
CA SER B 330 14.64 14.85 34.93
C SER B 330 14.09 15.15 33.55
N THR B 331 13.94 14.14 32.70
CA THR B 331 13.49 14.40 31.35
C THR B 331 12.02 14.81 31.32
N LEU B 332 11.18 14.22 32.19
CA LEU B 332 9.80 14.67 32.25
C LEU B 332 9.71 16.13 32.70
N LEU B 333 10.33 16.43 33.83
CA LEU B 333 10.22 17.78 34.39
C LEU B 333 10.84 18.80 33.44
N PHE B 334 11.97 18.45 32.82
CA PHE B 334 12.67 19.39 31.96
C PHE B 334 12.01 19.54 30.60
N CYS B 335 11.37 18.49 30.06
CA CYS B 335 10.63 18.70 28.82
C CYS B 335 9.43 19.60 29.08
N LEU B 336 8.74 19.42 30.21
CA LEU B 336 7.65 20.33 30.54
C LEU B 336 8.14 21.77 30.72
N ILE B 337 9.22 21.95 31.48
CA ILE B 337 9.73 23.30 31.72
C ILE B 337 10.24 23.92 30.44
N ALA B 338 10.95 23.16 29.60
CA ALA B 338 11.44 23.69 28.35
C ALA B 338 10.30 24.11 27.44
N ARG B 339 9.26 23.28 27.35
CA ARG B 339 8.12 23.65 26.51
C ARG B 339 7.47 24.94 27.01
N VAL B 340 7.23 25.02 28.32
CA VAL B 340 6.57 26.21 28.87
C VAL B 340 7.42 27.44 28.65
N LEU B 341 8.72 27.36 28.95
CA LEU B 341 9.60 28.50 28.81
C LEU B 341 9.70 28.96 27.36
N GLY B 342 9.84 28.01 26.43
CA GLY B 342 9.92 28.35 25.03
C GLY B 342 8.66 29.03 24.56
N VAL B 343 7.50 28.46 24.91
CA VAL B 343 6.24 29.05 24.48
C VAL B 343 6.08 30.46 25.04
N LEU B 344 6.34 30.62 26.33
CA LEU B 344 6.18 31.93 26.96
C LEU B 344 7.10 32.96 26.32
N GLY B 345 8.38 32.61 26.14
CA GLY B 345 9.31 33.55 25.56
C GLY B 345 8.94 33.91 24.13
N LEU B 346 8.57 32.93 23.32
CA LEU B 346 8.27 33.20 21.92
C LEU B 346 7.00 34.03 21.78
N THR B 347 5.97 33.71 22.57
CA THR B 347 4.76 34.54 22.53
C THR B 347 5.05 35.96 22.99
N TRP B 348 5.86 36.12 24.04
CA TRP B 348 6.22 37.45 24.50
C TRP B 348 6.95 38.21 23.41
N PHE B 349 7.82 37.53 22.67
CA PHE B 349 8.63 38.24 21.68
C PHE B 349 7.81 38.58 20.44
N ILE B 350 6.85 37.73 20.06
CA ILE B 350 6.07 37.99 18.85
C ILE B 350 4.85 38.87 19.09
N ASN B 351 4.30 38.89 20.31
CA ASN B 351 3.20 39.79 20.60
C ASN B 351 3.61 41.25 20.58
N LYS B 352 4.92 41.52 20.53
CA LYS B 352 5.43 42.86 20.26
C LYS B 352 5.54 43.12 18.76
N PHE B 353 5.06 42.21 17.94
CA PHE B 353 5.15 42.31 16.49
C PHE B 353 3.80 42.19 15.79
N ARG B 354 2.82 41.56 16.43
CA ARG B 354 1.56 41.29 15.77
C ARG B 354 0.46 42.22 16.26
N ILE B 355 -0.52 42.46 15.38
CA ILE B 355 -1.69 43.23 15.77
C ILE B 355 -2.56 42.43 16.74
N VAL B 356 -2.79 41.15 16.44
CA VAL B 356 -3.61 40.30 17.29
C VAL B 356 -2.72 39.54 18.28
N LYS B 357 -2.78 39.95 19.54
CA LYS B 357 -1.98 39.32 20.59
C LYS B 357 -2.39 37.86 20.77
N LEU B 358 -1.40 37.00 21.00
CA LEU B 358 -1.70 35.64 21.41
C LEU B 358 -2.15 35.65 22.86
N THR B 359 -3.40 35.25 23.09
CA THR B 359 -3.96 35.32 24.42
C THR B 359 -3.33 34.27 25.33
N PRO B 360 -3.38 34.48 26.65
CA PRO B 360 -2.89 33.44 27.56
C PRO B 360 -3.58 32.11 27.39
N LYS B 361 -4.83 32.12 26.92
CA LYS B 361 -5.54 30.90 26.58
C LYS B 361 -4.71 30.01 25.65
N ASP B 362 -4.39 30.54 24.46
CA ASP B 362 -3.67 29.74 23.49
C ASP B 362 -2.22 29.51 23.90
N GLN B 363 -1.63 30.43 24.66
CA GLN B 363 -0.30 30.17 25.20
C GLN B 363 -0.31 28.94 26.09
N PHE B 364 -1.31 28.82 26.95
CA PHE B 364 -1.41 27.63 27.79
C PHE B 364 -1.70 26.39 26.95
N ILE B 365 -2.53 26.53 25.92
CA ILE B 365 -2.86 25.37 25.08
C ILE B 365 -1.62 24.84 24.39
N ILE B 366 -0.77 25.74 23.89
CA ILE B 366 0.44 25.32 23.19
C ILE B 366 1.47 24.78 24.18
N ALA B 367 1.73 25.52 25.26
CA ALA B 367 2.77 25.11 26.20
C ALA B 367 2.41 23.80 26.87
N TYR B 368 1.35 23.80 27.68
CA TYR B 368 0.90 22.60 28.37
C TYR B 368 -0.15 21.95 27.49
N GLY B 369 0.23 20.90 26.79
CA GLY B 369 -0.68 20.25 25.88
C GLY B 369 0.03 19.79 24.63
N GLY B 370 1.26 20.25 24.44
CA GLY B 370 2.09 19.69 23.41
C GLY B 370 2.51 18.29 23.81
N LEU B 371 2.01 17.30 23.10
CA LEU B 371 2.16 15.90 23.50
C LEU B 371 2.88 15.12 22.41
N ARG B 372 3.84 14.30 22.83
CA ARG B 372 4.67 13.54 21.91
C ARG B 372 3.88 12.34 21.37
N GLY B 373 4.50 11.62 20.44
CA GLY B 373 3.89 10.41 19.95
C GLY B 373 4.09 10.15 18.47
N ALA B 374 4.36 8.89 18.15
CA ALA B 374 4.35 8.35 16.79
C ALA B 374 5.50 8.85 15.94
N ILE B 375 6.26 9.81 16.42
CA ILE B 375 7.49 10.21 15.75
C ILE B 375 8.63 10.18 16.76
N ALA B 376 8.38 10.70 17.96
CA ALA B 376 9.39 10.64 19.01
C ALA B 376 9.78 9.20 19.32
N PHE B 377 8.79 8.33 19.50
CA PHE B 377 9.09 6.93 19.76
C PHE B 377 9.85 6.32 18.61
N SER B 378 9.35 6.51 17.39
CA SER B 378 10.00 5.90 16.23
C SER B 378 11.41 6.43 16.04
N LEU B 379 11.60 7.74 16.15
CA LEU B 379 12.93 8.31 16.00
C LEU B 379 13.89 7.78 17.05
N GLY B 380 13.44 7.69 18.30
CA GLY B 380 14.29 7.14 19.34
C GLY B 380 14.54 5.66 19.22
N TYR B 381 13.59 4.92 18.67
CA TYR B 381 13.66 3.47 18.59
C TYR B 381 14.59 2.97 17.50
N LEU B 382 14.77 3.73 16.44
CA LEU B 382 15.67 3.34 15.37
C LEU B 382 17.13 3.63 15.69
N LEU B 383 17.42 4.10 16.90
CA LEU B 383 18.80 4.26 17.34
C LEU B 383 19.44 2.89 17.51
N ASP B 384 20.55 2.66 16.82
CA ASP B 384 21.22 1.38 16.89
C ASP B 384 21.93 1.23 18.24
N LYS B 385 22.33 -0.01 18.53
CA LYS B 385 23.13 -0.29 19.70
C LYS B 385 24.63 -0.17 19.44
N LYS B 386 25.05 -0.30 18.19
CA LYS B 386 26.46 -0.14 17.85
C LYS B 386 26.96 1.23 18.28
N HIS B 387 26.22 2.28 17.97
CA HIS B 387 26.42 3.59 18.56
C HIS B 387 25.37 3.80 19.65
N PHE B 388 25.53 4.88 20.41
CA PHE B 388 24.60 5.22 21.47
C PHE B 388 24.34 4.02 22.38
N PRO B 389 25.30 3.62 23.21
CA PRO B 389 25.08 2.43 24.05
C PRO B 389 23.91 2.56 25.00
N MET B 390 23.49 3.78 25.34
CA MET B 390 22.35 3.99 26.23
C MET B 390 21.05 4.21 25.46
N CYS B 391 20.93 3.63 24.26
CA CYS B 391 19.68 3.77 23.53
C CYS B 391 18.52 3.08 24.23
N ASP B 392 18.78 2.04 25.03
CA ASP B 392 17.71 1.45 25.83
C ASP B 392 17.16 2.46 26.83
N LEU B 393 18.06 3.19 27.49
CA LEU B 393 17.63 4.23 28.41
C LEU B 393 16.89 5.33 27.67
N PHE B 394 17.34 5.66 26.46
CA PHE B 394 16.64 6.68 25.67
C PHE B 394 15.23 6.23 25.32
N LEU B 395 15.05 4.97 24.92
CA LEU B 395 13.70 4.46 24.68
C LEU B 395 12.86 4.49 25.95
N THR B 396 13.43 4.11 27.09
CA THR B 396 12.64 4.14 28.31
C THR B 396 12.18 5.56 28.61
N ALA B 397 13.08 6.53 28.47
CA ALA B 397 12.72 7.92 28.73
C ALA B 397 11.67 8.42 27.74
N ILE B 398 11.83 8.09 26.46
CA ILE B 398 10.89 8.57 25.45
C ILE B 398 9.51 7.95 25.64
N ILE B 399 9.47 6.65 25.94
CA ILE B 399 8.19 5.99 26.17
C ILE B 399 7.51 6.57 27.41
N THR B 400 8.28 6.80 28.47
CA THR B 400 7.71 7.41 29.66
C THR B 400 7.16 8.80 29.36
N VAL B 401 7.91 9.58 28.58
CA VAL B 401 7.46 10.93 28.24
C VAL B 401 6.19 10.87 27.40
N ILE B 402 6.13 9.94 26.45
CA ILE B 402 4.93 9.81 25.62
C ILE B 402 3.73 9.45 26.48
N PHE B 403 3.88 8.46 27.35
CA PHE B 403 2.76 8.05 28.19
C PHE B 403 2.31 9.17 29.10
N PHE B 404 3.26 9.87 29.72
CA PHE B 404 2.90 10.95 30.62
C PHE B 404 2.29 12.14 29.91
N THR B 405 2.76 12.48 28.71
CA THR B 405 2.25 13.65 28.02
C THR B 405 1.00 13.36 27.22
N VAL B 406 0.66 12.10 27.00
CA VAL B 406 -0.60 11.77 26.34
C VAL B 406 -1.70 11.45 27.35
N PHE B 407 -1.38 10.71 28.41
CA PHE B 407 -2.38 10.34 29.39
C PHE B 407 -2.56 11.36 30.50
N VAL B 408 -1.65 12.33 30.64
CA VAL B 408 -1.78 13.31 31.71
C VAL B 408 -1.92 14.71 31.12
N GLN B 409 -0.95 15.11 30.28
CA GLN B 409 -1.04 16.44 29.69
C GLN B 409 -2.08 16.53 28.59
N GLY B 410 -2.63 15.40 28.13
CA GLY B 410 -3.63 15.44 27.10
C GLY B 410 -5.01 15.13 27.65
N MET B 411 -5.06 14.24 28.63
CA MET B 411 -6.33 13.91 29.26
C MET B 411 -6.75 14.98 30.25
N THR B 412 -5.79 15.67 30.87
CA THR B 412 -6.13 16.68 31.85
C THR B 412 -5.73 18.06 31.35
N ILE B 413 -5.96 18.32 30.07
CA ILE B 413 -5.86 19.66 29.53
C ILE B 413 -7.21 20.33 29.41
N ARG B 414 -8.27 19.59 29.13
CA ARG B 414 -9.58 20.18 28.99
C ARG B 414 -10.11 20.74 30.31
N PRO B 415 -9.94 20.08 31.47
CA PRO B 415 -10.43 20.72 32.71
C PRO B 415 -9.56 21.87 33.20
N LEU B 416 -8.23 21.79 33.07
CA LEU B 416 -7.41 22.88 33.58
C LEU B 416 -7.57 24.15 32.76
N VAL B 417 -8.03 24.06 31.52
CA VAL B 417 -8.18 25.27 30.74
C VAL B 417 -9.44 26.03 31.18
N ASP B 418 -10.47 25.32 31.64
CA ASP B 418 -11.60 26.00 32.27
C ASP B 418 -11.18 26.71 33.55
N LEU B 419 -10.24 26.12 34.29
CA LEU B 419 -9.70 26.74 35.49
C LEU B 419 -8.68 27.83 35.10
N LEU B 420 -9.16 28.75 34.27
CA LEU B 420 -8.36 29.86 33.79
C LEU B 420 -8.30 30.98 34.83
#